data_9CEN
#
_entry.id   9CEN
#
_cell.length_a   68.963
_cell.length_b   89.555
_cell.length_c   70.012
_cell.angle_alpha   90.00
_cell.angle_beta   108.15
_cell.angle_gamma   90.00
#
_symmetry.space_group_name_H-M   'P 1 21 1'
#
loop_
_entity.id
_entity.type
_entity.pdbx_description
1 polymer 'Polyketide Synthase Protein'
2 non-polymer 'POTASSIUM ION'
3 non-polymer 'ACETATE ION'
4 water water
#
_entity_poly.entity_id   1
_entity_poly.type   'polypeptide(L)'
_entity_poly.pdbx_seq_one_letter_code
;MGSSHHHHHHSQDPGDENLYFQSAPDRGPRLARLAAHGHNPVLIPHVEVELDLVTDSWADRADPWQRERTRALADLADEA
GLTGERPPELPWLPFAHRFFAASGRAAEERLCRAWPGPRGRVLHNSAFPTWLGTLVEQGFDPSVALPVAGAGPYAADLDL
DALDVALDRYADGVSFVLVETATNAHGGAPLSLDNLRAVARRTRARGVPLVLDATRLLDNALLVTAASGRPAQDLWQIAE
DMLGLAQAVTFSLS(LLP)DFGVDGGGLVATTDERLAERLTERMLERGREPGLSARRVLSAALLHQESTERLVTRRVADV
AAFRQRLELGGVPLVPGPTAHCVLLDVDKAAPGTPLRHPVASYLSWIYAATGVRGGPHLAPGVRLTDGSEPPERHLIRLA
VPLGMERKALEGAADRLAELVADPAPVADLTEVPGAAGPSALRVYHPTDALPADIRRALEEEP
;
_entity_poly.pdbx_strand_id   A,B
#
loop_
_chem_comp.id
_chem_comp.type
_chem_comp.name
_chem_comp.formula
ACT non-polymer 'ACETATE ION' 'C2 H3 O2 -1'
K non-polymer 'POTASSIUM ION' 'K 1'
#
# COMPACT_ATOMS: atom_id res chain seq x y z
N ARG A 27 -35.08 5.53 14.35
CA ARG A 27 -35.12 4.27 13.60
C ARG A 27 -35.38 4.56 12.11
N GLY A 28 -36.17 5.60 11.85
CA GLY A 28 -36.45 6.05 10.51
C GLY A 28 -35.23 6.16 9.62
N PRO A 29 -34.26 7.02 9.99
CA PRO A 29 -33.05 7.17 9.17
C PRO A 29 -32.28 5.88 8.97
N ARG A 30 -32.28 4.95 9.95
CA ARG A 30 -31.57 3.70 9.76
C ARG A 30 -32.27 2.82 8.73
N LEU A 31 -33.61 2.78 8.80
CA LEU A 31 -34.35 2.03 7.80
C LEU A 31 -34.09 2.56 6.40
N ALA A 32 -34.07 3.88 6.24
CA ALA A 32 -33.75 4.43 4.94
C ALA A 32 -32.34 4.03 4.50
N ARG A 33 -31.40 4.06 5.45
CA ARG A 33 -30.04 3.69 5.10
C ARG A 33 -29.96 2.21 4.73
N LEU A 34 -30.65 1.35 5.48
CA LEU A 34 -30.68 -0.08 5.14
C LEU A 34 -31.24 -0.30 3.75
N ALA A 35 -32.35 0.37 3.41
CA ALA A 35 -32.96 0.16 2.09
C ALA A 35 -32.08 0.68 0.97
N ALA A 36 -31.23 1.68 1.23
CA ALA A 36 -30.31 2.19 0.22
C ALA A 36 -29.08 1.28 0.03
N HIS A 37 -28.91 0.28 0.88
CA HIS A 37 -27.75 -0.60 0.83
C HIS A 37 -28.18 -2.05 0.80
N GLY A 38 -29.23 -2.32 0.03
CA GLY A 38 -29.67 -3.70 -0.19
C GLY A 38 -30.09 -4.44 1.06
N HIS A 39 -30.62 -3.74 2.07
CA HIS A 39 -31.02 -4.36 3.33
C HIS A 39 -29.91 -5.24 3.92
N ASN A 40 -28.68 -4.81 3.76
CA ASN A 40 -27.51 -5.54 4.22
C ASN A 40 -26.62 -4.54 4.94
N PRO A 41 -26.59 -4.55 6.28
CA PRO A 41 -25.81 -3.49 6.97
C PRO A 41 -24.33 -3.55 6.65
N VAL A 42 -23.81 -4.71 6.25
CA VAL A 42 -22.40 -4.82 5.88
C VAL A 42 -22.05 -3.93 4.69
N LEU A 43 -23.03 -3.58 3.86
CA LEU A 43 -22.78 -2.69 2.72
C LEU A 43 -22.78 -1.20 3.07
N ILE A 44 -23.25 -0.82 4.26
CA ILE A 44 -23.26 0.61 4.61
C ILE A 44 -21.83 1.10 4.82
N PRO A 45 -21.46 2.28 4.34
CA PRO A 45 -20.13 2.82 4.66
C PRO A 45 -19.91 2.90 6.17
N HIS A 46 -18.69 2.53 6.61
CA HIS A 46 -18.33 2.60 8.02
C HIS A 46 -18.65 3.97 8.63
N VAL A 47 -18.35 5.06 7.94
CA VAL A 47 -18.54 6.37 8.56
C VAL A 47 -20.01 6.72 8.75
N GLU A 48 -20.93 5.98 8.12
CA GLU A 48 -22.36 6.25 8.26
C GLU A 48 -23.04 5.33 9.25
N VAL A 49 -22.27 4.46 9.93
CA VAL A 49 -22.81 3.51 10.91
C VAL A 49 -22.69 4.10 12.31
N GLU A 50 -23.77 4.02 13.10
N GLU A 50 -23.77 4.03 13.09
CA GLU A 50 -23.74 4.64 14.43
CA GLU A 50 -23.76 4.62 14.42
C GLU A 50 -22.72 3.97 15.34
C GLU A 50 -22.72 3.96 15.32
N LEU A 51 -22.75 2.65 15.44
CA LEU A 51 -21.74 1.92 16.20
C LEU A 51 -21.31 0.71 15.39
N ASP A 52 -20.09 0.77 14.86
CA ASP A 52 -19.60 -0.25 13.94
C ASP A 52 -18.86 -1.31 14.76
N LEU A 53 -19.43 -2.53 14.80
CA LEU A 53 -18.74 -3.67 15.39
C LEU A 53 -18.43 -4.74 14.34
N VAL A 54 -18.33 -4.36 13.07
CA VAL A 54 -18.14 -5.38 12.04
C VAL A 54 -16.71 -5.91 12.06
N THR A 55 -15.75 -5.10 12.50
CA THR A 55 -14.34 -5.53 12.48
C THR A 55 -13.58 -4.75 13.54
N ASP A 56 -12.48 -5.35 14.03
CA ASP A 56 -11.53 -4.60 14.84
C ASP A 56 -10.42 -3.95 14.01
N SER A 57 -10.37 -4.21 12.71
CA SER A 57 -9.27 -3.72 11.90
C SER A 57 -9.32 -2.20 11.71
N TRP A 58 -8.25 -1.48 12.13
CA TRP A 58 -8.28 -0.04 11.91
C TRP A 58 -8.17 0.29 10.43
N ALA A 59 -7.70 -0.65 9.60
CA ALA A 59 -7.60 -0.38 8.18
C ALA A 59 -8.96 -0.28 7.50
N ASP A 60 -10.03 -0.70 8.19
CA ASP A 60 -11.39 -0.63 7.68
C ASP A 60 -12.23 0.39 8.44
N ARG A 61 -11.58 1.28 9.17
CA ARG A 61 -12.26 2.17 10.10
C ARG A 61 -11.63 3.57 10.01
N ALA A 62 -12.37 4.54 10.53
CA ALA A 62 -11.86 5.91 10.61
C ALA A 62 -12.44 6.56 11.87
N ASP A 63 -12.34 5.83 12.99
CA ASP A 63 -12.89 6.34 14.25
C ASP A 63 -12.10 7.57 14.69
N PRO A 64 -12.71 8.45 15.48
CA PRO A 64 -12.05 9.73 15.77
C PRO A 64 -10.71 9.60 16.47
N TRP A 65 -10.53 8.56 17.28
CA TRP A 65 -9.30 8.41 18.04
C TRP A 65 -8.12 8.05 17.16
N GLN A 66 -8.37 7.60 15.94
CA GLN A 66 -7.28 7.18 15.07
C GLN A 66 -6.40 8.36 14.68
N ARG A 67 -7.00 9.51 14.39
CA ARG A 67 -6.18 10.67 14.01
C ARG A 67 -5.24 11.08 15.12
N GLU A 68 -5.72 11.06 16.36
CA GLU A 68 -4.87 11.50 17.47
C GLU A 68 -3.74 10.51 17.70
N ARG A 69 -4.02 9.22 17.51
CA ARG A 69 -2.99 8.21 17.67
C ARG A 69 -1.90 8.38 16.64
N THR A 70 -2.29 8.61 15.38
CA THR A 70 -1.30 8.83 14.33
C THR A 70 -0.42 10.04 14.64
N ARG A 71 -1.03 11.13 15.10
CA ARG A 71 -0.24 12.31 15.43
C ARG A 71 0.76 12.02 16.54
N ALA A 72 0.34 11.24 17.54
CA ALA A 72 1.22 10.92 18.66
C ALA A 72 2.39 10.06 18.22
N LEU A 73 2.13 9.04 17.38
CA LEU A 73 3.20 8.22 16.84
C LEU A 73 4.11 9.01 15.90
N ALA A 74 3.56 9.91 15.09
CA ALA A 74 4.43 10.70 14.22
C ALA A 74 5.34 11.61 15.05
N ASP A 75 4.80 12.20 16.13
CA ASP A 75 5.64 12.97 17.05
C ASP A 75 6.77 12.11 17.60
N LEU A 76 6.44 10.89 18.02
CA LEU A 76 7.44 9.98 18.55
C LEU A 76 8.52 9.68 17.53
N ALA A 77 8.11 9.43 16.27
CA ALA A 77 9.08 9.15 15.22
C ALA A 77 10.04 10.32 15.01
N ASP A 78 9.50 11.55 15.02
CA ASP A 78 10.34 12.74 14.89
C ASP A 78 11.34 12.82 16.05
N GLU A 79 10.85 12.63 17.27
CA GLU A 79 11.72 12.80 18.42
C GLU A 79 12.83 11.76 18.43
N ALA A 80 12.53 10.53 18.00
CA ALA A 80 13.53 9.47 17.99
C ALA A 80 14.32 9.40 16.68
N GLY A 81 13.99 10.25 15.71
CA GLY A 81 14.70 10.25 14.45
C GLY A 81 14.53 8.96 13.66
N LEU A 82 13.38 8.32 13.75
CA LEU A 82 13.20 7.06 13.05
C LEU A 82 13.27 7.29 11.54
N THR A 83 13.85 6.35 10.83
CA THR A 83 14.01 6.55 9.39
C THR A 83 12.86 5.95 8.59
N GLY A 84 12.21 4.93 9.13
CA GLY A 84 11.18 4.21 8.42
C GLY A 84 11.71 3.29 7.33
N GLU A 85 13.01 3.05 7.27
CA GLU A 85 13.51 2.31 6.11
C GLU A 85 13.31 0.80 6.28
N ARG A 86 13.34 0.30 7.51
CA ARG A 86 13.17 -1.12 7.81
C ARG A 86 12.50 -1.21 9.17
N PRO A 87 11.75 -2.27 9.45
CA PRO A 87 11.20 -2.43 10.80
C PRO A 87 12.31 -2.40 11.84
N PRO A 88 12.09 -1.75 12.98
CA PRO A 88 13.12 -1.72 14.01
C PRO A 88 13.36 -3.09 14.62
N GLU A 89 14.54 -3.23 15.22
CA GLU A 89 14.81 -4.32 16.14
C GLU A 89 13.90 -4.22 17.34
N LEU A 90 13.22 -5.33 17.69
CA LEU A 90 12.32 -5.32 18.84
C LEU A 90 12.66 -6.45 19.79
N PRO A 91 12.64 -6.18 21.10
CA PRO A 91 13.00 -7.21 22.09
C PRO A 91 12.11 -8.44 22.09
N TRP A 92 10.86 -8.32 21.65
CA TRP A 92 9.92 -9.42 21.71
C TRP A 92 9.76 -10.14 20.38
N LEU A 93 10.41 -9.65 19.32
CA LEU A 93 10.26 -10.20 17.97
C LEU A 93 11.58 -10.85 17.57
N PRO A 94 11.75 -12.16 17.75
CA PRO A 94 13.08 -12.79 17.62
C PRO A 94 13.44 -13.16 16.18
N PHE A 95 13.50 -12.15 15.30
CA PHE A 95 13.78 -12.39 13.89
C PHE A 95 14.78 -11.37 13.38
N ALA A 96 15.86 -11.84 12.76
CA ALA A 96 16.85 -10.92 12.22
C ALA A 96 16.41 -10.28 10.91
N HIS A 97 15.45 -10.88 10.21
CA HIS A 97 15.02 -10.45 8.88
C HIS A 97 13.58 -9.99 8.98
N ARG A 98 13.36 -8.67 8.89
CA ARG A 98 12.04 -8.08 9.07
C ARG A 98 11.72 -7.14 7.91
N PHE A 99 10.46 -7.17 7.44
CA PHE A 99 10.08 -6.43 6.24
C PHE A 99 8.70 -5.81 6.44
N PHE A 100 8.56 -4.54 6.09
CA PHE A 100 7.24 -3.93 6.09
C PHE A 100 6.46 -4.35 4.85
N ALA A 101 5.14 -4.35 4.96
CA ALA A 101 4.28 -4.54 3.81
C ALA A 101 3.11 -3.58 3.92
N ALA A 102 2.40 -3.39 2.79
CA ALA A 102 1.30 -2.42 2.75
C ALA A 102 0.11 -2.81 3.62
N SER A 103 -0.05 -4.10 3.91
CA SER A 103 -1.20 -4.65 4.63
C SER A 103 -0.83 -6.06 5.07
N GLY A 104 -1.66 -6.66 5.93
CA GLY A 104 -1.48 -8.08 6.21
C GLY A 104 -1.58 -8.95 4.96
N ARG A 105 -2.55 -8.69 4.10
CA ARG A 105 -2.66 -9.57 2.94
C ARG A 105 -1.50 -9.37 1.99
N ALA A 106 -0.98 -8.13 1.86
CA ALA A 106 0.25 -7.96 1.07
C ALA A 106 1.42 -8.71 1.70
N ALA A 107 1.49 -8.73 3.03
CA ALA A 107 2.55 -9.48 3.70
C ALA A 107 2.45 -10.97 3.40
N GLU A 108 1.23 -11.52 3.43
CA GLU A 108 1.02 -12.92 3.05
C GLU A 108 1.49 -13.16 1.62
N GLU A 109 1.15 -12.25 0.71
CA GLU A 109 1.60 -12.38 -0.67
C GLU A 109 3.12 -12.32 -0.79
N ARG A 110 3.76 -11.40 -0.05
CA ARG A 110 5.22 -11.31 -0.15
C ARG A 110 5.87 -12.61 0.31
N LEU A 111 5.40 -13.18 1.43
N LEU A 111 5.37 -13.17 1.41
CA LEU A 111 5.95 -14.44 1.91
CA LEU A 111 5.91 -14.42 1.94
C LEU A 111 5.74 -15.55 0.90
C LEU A 111 5.71 -15.56 0.95
N CYS A 112 4.50 -15.68 0.39
CA CYS A 112 4.20 -16.81 -0.48
C CYS A 112 4.91 -16.68 -1.82
N ARG A 113 5.05 -15.45 -2.32
CA ARG A 113 5.79 -15.26 -3.57
C ARG A 113 7.27 -15.58 -3.39
N ALA A 114 7.84 -15.22 -2.24
CA ALA A 114 9.27 -15.43 -2.01
C ALA A 114 9.61 -16.86 -1.63
N TRP A 115 8.62 -17.68 -1.29
CA TRP A 115 8.90 -19.00 -0.75
C TRP A 115 9.81 -19.80 -1.68
N PRO A 116 10.98 -20.25 -1.21
CA PRO A 116 11.96 -20.88 -2.11
C PRO A 116 11.76 -22.38 -2.24
N GLY A 117 11.12 -22.98 -1.24
CA GLY A 117 10.95 -24.42 -1.19
C GLY A 117 9.88 -24.90 -2.14
N PRO A 118 9.82 -26.21 -2.38
CA PRO A 118 8.81 -26.75 -3.31
C PRO A 118 7.41 -26.47 -2.80
N ARG A 119 6.52 -26.18 -3.73
CA ARG A 119 5.18 -25.71 -3.37
C ARG A 119 4.20 -26.86 -3.42
N GLY A 120 3.71 -27.25 -2.25
CA GLY A 120 2.74 -28.31 -2.13
C GLY A 120 1.66 -27.90 -1.16
N ARG A 121 1.32 -28.79 -0.22
CA ARG A 121 0.24 -28.47 0.70
C ARG A 121 0.70 -27.53 1.81
N VAL A 122 -0.23 -26.68 2.25
CA VAL A 122 -0.07 -25.89 3.47
C VAL A 122 -1.19 -26.32 4.39
N LEU A 123 -0.84 -26.93 5.52
CA LEU A 123 -1.84 -27.34 6.50
C LEU A 123 -2.05 -26.16 7.45
N HIS A 124 -3.32 -25.81 7.69
CA HIS A 124 -3.58 -24.59 8.46
C HIS A 124 -4.79 -24.81 9.37
N ASN A 125 -4.84 -24.03 10.46
CA ASN A 125 -5.93 -24.19 11.44
C ASN A 125 -7.11 -23.28 11.09
N SER A 126 -7.61 -23.41 9.87
CA SER A 126 -8.69 -22.57 9.33
C SER A 126 -8.26 -21.10 9.33
N ALA A 127 -7.16 -20.84 8.64
CA ALA A 127 -6.57 -19.52 8.57
C ALA A 127 -7.49 -18.51 7.87
N PHE A 128 -7.16 -17.24 8.09
CA PHE A 128 -7.98 -16.14 7.57
C PHE A 128 -8.13 -16.26 6.05
N PRO A 129 -9.30 -15.92 5.50
CA PRO A 129 -9.56 -16.18 4.08
C PRO A 129 -8.57 -15.55 3.10
N THR A 130 -7.93 -14.42 3.45
CA THR A 130 -6.97 -13.83 2.52
C THR A 130 -5.82 -14.77 2.25
N TRP A 131 -5.44 -15.59 3.24
CA TRP A 131 -4.40 -16.57 3.04
C TRP A 131 -4.77 -17.59 1.98
N LEU A 132 -6.02 -18.06 1.99
CA LEU A 132 -6.40 -19.18 1.13
C LEU A 132 -6.26 -18.80 -0.34
N GLY A 133 -6.78 -17.62 -0.70
CA GLY A 133 -6.64 -17.18 -2.07
C GLY A 133 -5.18 -16.97 -2.45
N THR A 134 -4.40 -16.37 -1.55
CA THR A 134 -2.99 -16.10 -1.84
C THR A 134 -2.22 -17.39 -2.03
N LEU A 135 -2.46 -18.37 -1.16
CA LEU A 135 -1.78 -19.66 -1.29
C LEU A 135 -2.12 -20.32 -2.64
N VAL A 136 -3.40 -20.35 -3.02
CA VAL A 136 -3.79 -20.96 -4.29
C VAL A 136 -3.10 -20.25 -5.44
N GLU A 137 -3.16 -18.91 -5.45
CA GLU A 137 -2.55 -18.12 -6.52
C GLU A 137 -1.07 -18.38 -6.65
N GLN A 138 -0.39 -18.70 -5.54
CA GLN A 138 1.05 -18.91 -5.55
C GLN A 138 1.45 -20.37 -5.71
N GLY A 139 0.49 -21.25 -6.00
CA GLY A 139 0.80 -22.63 -6.31
C GLY A 139 0.75 -23.60 -5.14
N PHE A 140 0.27 -23.17 -3.99
CA PHE A 140 0.13 -24.02 -2.81
C PHE A 140 -1.28 -24.60 -2.74
N ASP A 141 -1.43 -25.67 -1.97
CA ASP A 141 -2.72 -26.33 -1.77
C ASP A 141 -3.16 -26.19 -0.31
N PRO A 142 -4.10 -25.28 0.00
CA PRO A 142 -4.58 -25.14 1.37
C PRO A 142 -5.89 -25.87 1.66
N SER A 143 -6.18 -26.96 0.95
CA SER A 143 -7.51 -27.56 1.07
C SER A 143 -7.70 -28.34 2.36
N VAL A 144 -6.63 -28.64 3.08
CA VAL A 144 -6.70 -29.43 4.30
C VAL A 144 -6.57 -28.49 5.49
N ALA A 145 -7.65 -28.34 6.25
CA ALA A 145 -7.61 -27.59 7.49
C ALA A 145 -7.40 -28.55 8.66
N LEU A 146 -6.68 -28.07 9.65
CA LEU A 146 -6.38 -28.86 10.84
C LEU A 146 -7.47 -28.63 11.87
N PRO A 147 -8.05 -29.68 12.46
CA PRO A 147 -9.12 -29.47 13.44
C PRO A 147 -8.59 -29.02 14.80
N VAL A 148 -9.48 -28.42 15.59
CA VAL A 148 -9.12 -27.87 16.89
C VAL A 148 -9.92 -28.61 17.96
N ALA A 149 -9.57 -28.34 19.22
CA ALA A 149 -10.19 -29.04 20.34
C ALA A 149 -11.70 -28.84 20.37
N GLY A 150 -12.16 -27.61 20.16
CA GLY A 150 -13.57 -27.29 20.18
C GLY A 150 -14.20 -27.10 21.55
N ALA A 151 -13.59 -27.63 22.60
CA ALA A 151 -14.05 -27.44 23.98
C ALA A 151 -12.86 -27.65 24.91
N GLY A 152 -13.06 -27.30 26.19
CA GLY A 152 -12.03 -27.45 27.18
C GLY A 152 -11.36 -26.13 27.52
N PRO A 153 -10.21 -26.18 28.19
CA PRO A 153 -9.56 -24.92 28.63
C PRO A 153 -9.15 -23.99 27.49
N TYR A 154 -8.74 -24.51 26.34
CA TYR A 154 -8.30 -23.71 25.18
C TYR A 154 -8.94 -24.32 23.94
N ALA A 155 -10.15 -23.84 23.59
CA ALA A 155 -10.94 -24.46 22.54
C ALA A 155 -10.30 -24.34 21.16
N ALA A 156 -9.41 -23.38 20.95
CA ALA A 156 -8.76 -23.24 19.65
C ALA A 156 -7.47 -24.05 19.54
N ASP A 157 -7.08 -24.80 20.58
CA ASP A 157 -5.88 -25.62 20.51
C ASP A 157 -5.99 -26.59 19.34
N LEU A 158 -4.87 -26.81 18.64
CA LEU A 158 -4.86 -27.80 17.58
C LEU A 158 -4.97 -29.22 18.15
N ASP A 159 -5.77 -30.06 17.47
CA ASP A 159 -5.83 -31.48 17.75
C ASP A 159 -4.51 -32.11 17.34
N LEU A 160 -3.72 -32.56 18.31
CA LEU A 160 -2.36 -32.98 17.98
C LEU A 160 -2.34 -34.32 17.27
N ASP A 161 -3.27 -35.23 17.61
CA ASP A 161 -3.31 -36.51 16.89
C ASP A 161 -3.71 -36.31 15.44
N ALA A 162 -4.67 -35.40 15.18
CA ALA A 162 -5.03 -35.09 13.80
C ALA A 162 -3.86 -34.48 13.05
N LEU A 163 -3.09 -33.60 13.70
CA LEU A 163 -1.90 -33.04 13.08
C LEU A 163 -0.90 -34.13 12.70
N ASP A 164 -0.63 -35.05 13.61
CA ASP A 164 0.26 -36.17 13.32
C ASP A 164 -0.23 -36.98 12.12
N VAL A 165 -1.53 -37.30 12.09
CA VAL A 165 -2.05 -38.07 10.97
C VAL A 165 -1.84 -37.31 9.66
N ALA A 166 -2.10 -36.00 9.67
CA ALA A 166 -1.97 -35.21 8.45
C ALA A 166 -0.52 -35.11 8.01
N LEU A 167 0.39 -34.88 8.95
CA LEU A 167 1.81 -34.82 8.61
C LEU A 167 2.32 -36.17 8.07
N ASP A 168 1.81 -37.26 8.60
CA ASP A 168 2.25 -38.54 8.03
C ASP A 168 1.58 -38.80 6.69
N ARG A 169 0.29 -38.49 6.56
CA ARG A 169 -0.43 -38.71 5.31
C ARG A 169 0.19 -37.91 4.15
N TYR A 170 0.59 -36.66 4.41
CA TYR A 170 1.09 -35.78 3.37
C TYR A 170 2.62 -35.62 3.44
N ALA A 171 3.29 -36.63 3.98
CA ALA A 171 4.74 -36.59 4.15
C ALA A 171 5.45 -36.22 2.85
N ASP A 172 6.42 -35.32 2.97
CA ASP A 172 7.26 -34.77 1.89
C ASP A 172 6.47 -33.90 0.93
N GLY A 173 5.17 -33.70 1.15
CA GLY A 173 4.39 -32.84 0.27
C GLY A 173 3.81 -31.65 0.98
N VAL A 174 4.29 -31.32 2.18
CA VAL A 174 3.83 -30.17 2.94
C VAL A 174 4.90 -29.09 2.91
N SER A 175 4.59 -27.93 2.32
CA SER A 175 5.55 -26.83 2.32
C SER A 175 5.66 -26.17 3.68
N PHE A 176 4.53 -25.94 4.36
CA PHE A 176 4.62 -25.46 5.73
C PHE A 176 3.29 -25.68 6.42
N VAL A 177 3.34 -25.55 7.74
CA VAL A 177 2.15 -25.55 8.59
C VAL A 177 1.91 -24.09 8.97
N LEU A 178 0.66 -23.65 8.83
CA LEU A 178 0.28 -22.26 9.09
C LEU A 178 -0.68 -22.24 10.26
N VAL A 179 -0.30 -21.53 11.33
CA VAL A 179 -1.12 -21.39 12.51
C VAL A 179 -1.43 -19.92 12.74
N GLU A 180 -2.72 -19.60 12.87
CA GLU A 180 -3.17 -18.25 13.22
C GLU A 180 -3.53 -18.28 14.70
N THR A 181 -2.89 -17.44 15.50
CA THR A 181 -3.27 -17.34 16.91
C THR A 181 -4.61 -16.62 17.05
N ALA A 182 -5.23 -16.78 18.22
CA ALA A 182 -6.52 -16.15 18.53
C ALA A 182 -7.43 -16.23 17.31
N THR A 183 -7.61 -17.46 16.84
CA THR A 183 -8.01 -17.72 15.46
C THR A 183 -9.36 -17.10 15.16
N ASN A 184 -9.42 -16.24 14.16
CA ASN A 184 -10.70 -15.59 13.87
C ASN A 184 -11.77 -16.60 13.51
N ALA A 185 -11.40 -17.64 12.77
CA ALA A 185 -12.38 -18.64 12.35
C ALA A 185 -13.02 -19.34 13.54
N HIS A 186 -12.27 -19.45 14.63
CA HIS A 186 -12.79 -20.06 15.84
C HIS A 186 -13.23 -19.02 16.86
N GLY A 187 -13.56 -17.82 16.39
CA GLY A 187 -14.17 -16.81 17.23
C GLY A 187 -13.24 -16.05 18.13
N GLY A 188 -11.93 -16.07 17.86
CA GLY A 188 -10.97 -15.36 18.70
C GLY A 188 -10.58 -16.11 19.94
N ALA A 189 -10.93 -17.38 20.05
CA ALA A 189 -10.48 -18.20 21.19
C ALA A 189 -8.97 -18.36 21.14
N PRO A 190 -8.30 -18.43 22.29
CA PRO A 190 -6.84 -18.56 22.30
C PRO A 190 -6.38 -20.01 22.13
N LEU A 191 -5.14 -20.12 21.63
CA LEU A 191 -4.35 -21.35 21.68
C LEU A 191 -3.37 -21.22 22.84
N SER A 192 -3.09 -22.34 23.51
CA SER A 192 -2.16 -22.25 24.64
C SER A 192 -0.73 -22.28 24.14
N LEU A 193 0.19 -21.76 24.98
CA LEU A 193 1.60 -21.88 24.63
C LEU A 193 2.02 -23.35 24.59
N ASP A 194 1.52 -24.14 25.53
CA ASP A 194 1.82 -25.57 25.51
C ASP A 194 1.41 -26.22 24.19
N ASN A 195 0.23 -25.86 23.67
CA ASN A 195 -0.21 -26.44 22.40
C ASN A 195 0.67 -25.96 21.26
N LEU A 196 1.01 -24.69 21.23
CA LEU A 196 1.87 -24.22 20.13
C LEU A 196 3.23 -24.88 20.19
N ARG A 197 3.77 -25.09 21.40
CA ARG A 197 5.05 -25.78 21.51
C ARG A 197 4.95 -27.22 21.00
N ALA A 198 3.82 -27.87 21.27
CA ALA A 198 3.63 -29.26 20.83
C ALA A 198 3.49 -29.33 19.32
N VAL A 199 2.78 -28.35 18.74
CA VAL A 199 2.71 -28.24 17.28
C VAL A 199 4.10 -28.07 16.69
N ALA A 200 4.88 -27.11 17.21
CA ALA A 200 6.19 -26.82 16.67
C ALA A 200 7.15 -27.98 16.85
N ARG A 201 7.05 -28.73 17.95
N ARG A 201 7.05 -28.72 17.95
CA ARG A 201 7.91 -29.90 18.10
CA ARG A 201 7.89 -29.90 18.11
C ARG A 201 7.63 -30.92 17.00
C ARG A 201 7.62 -30.91 16.99
N ARG A 202 6.35 -31.07 16.63
CA ARG A 202 5.99 -32.02 15.57
C ARG A 202 6.47 -31.53 14.21
N THR A 203 6.38 -30.22 13.93
CA THR A 203 6.85 -29.74 12.64
C THR A 203 8.38 -29.82 12.56
N ARG A 204 9.08 -29.46 13.65
CA ARG A 204 10.53 -29.64 13.68
C ARG A 204 10.90 -31.09 13.41
N ALA A 205 10.16 -32.04 13.99
CA ALA A 205 10.56 -33.44 13.88
C ALA A 205 10.52 -33.89 12.43
N ARG A 206 9.66 -33.29 11.62
CA ARG A 206 9.57 -33.66 10.21
C ARG A 206 10.31 -32.70 9.29
N GLY A 207 10.98 -31.69 9.84
CA GLY A 207 11.65 -30.70 9.01
C GLY A 207 10.71 -29.82 8.22
N VAL A 208 9.51 -29.58 8.72
CA VAL A 208 8.52 -28.74 8.03
C VAL A 208 8.48 -27.39 8.73
N PRO A 209 8.61 -26.26 8.00
CA PRO A 209 8.56 -24.95 8.66
C PRO A 209 7.18 -24.67 9.25
N LEU A 210 7.20 -23.91 10.33
CA LEU A 210 6.00 -23.41 10.99
C LEU A 210 5.92 -21.92 10.70
N VAL A 211 4.80 -21.49 10.14
CA VAL A 211 4.52 -20.08 9.86
C VAL A 211 3.37 -19.66 10.75
N LEU A 212 3.48 -18.51 11.39
CA LEU A 212 2.38 -18.00 12.21
C LEU A 212 1.76 -16.79 11.54
N ASP A 213 0.43 -16.72 11.56
CA ASP A 213 -0.25 -15.46 11.35
C ASP A 213 -0.44 -14.86 12.73
N ALA A 214 0.40 -13.88 13.06
CA ALA A 214 0.51 -13.32 14.40
C ALA A 214 -0.30 -12.01 14.54
N THR A 215 -1.27 -11.79 13.66
CA THR A 215 -2.06 -10.55 13.68
C THR A 215 -2.65 -10.27 15.05
N ARG A 216 -3.13 -11.30 15.72
CA ARG A 216 -3.67 -11.12 17.06
C ARG A 216 -2.89 -11.96 18.06
N LEU A 217 -1.60 -12.17 17.81
CA LEU A 217 -0.80 -12.95 18.74
C LEU A 217 -0.65 -12.24 20.09
N LEU A 218 -0.54 -10.90 20.09
CA LEU A 218 -0.46 -10.21 21.38
C LEU A 218 -1.71 -10.45 22.22
N ASP A 219 -2.90 -10.45 21.60
CA ASP A 219 -4.10 -10.76 22.38
C ASP A 219 -4.05 -12.17 22.91
N ASN A 220 -3.63 -13.11 22.05
CA ASN A 220 -3.52 -14.49 22.50
C ASN A 220 -2.54 -14.59 23.67
N ALA A 221 -1.42 -13.86 23.59
CA ALA A 221 -0.44 -13.92 24.68
C ALA A 221 -1.03 -13.35 25.95
N LEU A 222 -1.82 -12.28 25.84
CA LEU A 222 -2.48 -11.73 27.02
C LEU A 222 -3.46 -12.73 27.63
N LEU A 223 -4.24 -13.42 26.78
CA LEU A 223 -5.20 -14.37 27.32
C LEU A 223 -4.49 -15.51 28.03
N VAL A 224 -3.33 -15.90 27.51
CA VAL A 224 -2.53 -16.96 28.16
C VAL A 224 -1.97 -16.49 29.50
N THR A 225 -1.48 -15.24 29.57
CA THR A 225 -1.02 -14.76 30.87
C THR A 225 -2.16 -14.78 31.88
N ALA A 226 -3.35 -14.33 31.46
CA ALA A 226 -4.51 -14.35 32.35
C ALA A 226 -4.81 -15.76 32.82
N ALA A 227 -4.79 -16.73 31.90
CA ALA A 227 -5.17 -18.08 32.30
C ALA A 227 -4.13 -18.71 33.22
N SER A 228 -2.88 -18.28 33.15
CA SER A 228 -1.78 -18.77 33.96
C SER A 228 -1.61 -18.01 35.27
N GLY A 229 -2.51 -17.09 35.59
CA GLY A 229 -2.34 -16.29 36.78
C GLY A 229 -1.18 -15.31 36.74
N ARG A 230 -0.69 -14.96 35.56
CA ARG A 230 0.45 -14.06 35.46
C ARG A 230 -0.03 -12.63 35.21
N PRO A 231 0.79 -11.64 35.59
CA PRO A 231 0.42 -10.24 35.33
C PRO A 231 0.33 -9.97 33.85
N ALA A 232 -0.50 -8.96 33.49
CA ALA A 232 -0.70 -8.68 32.07
C ALA A 232 0.59 -8.24 31.39
N GLN A 233 1.50 -7.59 32.12
CA GLN A 233 2.75 -7.17 31.52
C GLN A 233 3.62 -8.33 31.06
N ASP A 234 3.34 -9.55 31.53
CA ASP A 234 4.07 -10.71 31.03
C ASP A 234 3.67 -11.09 29.61
N LEU A 235 2.69 -10.41 28.99
CA LEU A 235 2.28 -10.81 27.64
C LEU A 235 3.45 -10.75 26.68
N TRP A 236 4.39 -9.82 26.86
CA TRP A 236 5.49 -9.72 25.90
C TRP A 236 6.38 -10.93 25.97
N GLN A 237 6.57 -11.49 27.18
CA GLN A 237 7.39 -12.70 27.31
C GLN A 237 6.71 -13.90 26.66
N ILE A 238 5.40 -14.06 26.88
CA ILE A 238 4.66 -15.16 26.25
C ILE A 238 4.67 -14.98 24.74
N ALA A 239 4.50 -13.74 24.28
CA ALA A 239 4.50 -13.48 22.85
C ALA A 239 5.83 -13.87 22.24
N GLU A 240 6.93 -13.50 22.88
CA GLU A 240 8.24 -13.89 22.36
C GLU A 240 8.41 -15.40 22.35
N ASP A 241 7.93 -16.07 23.41
CA ASP A 241 7.96 -17.54 23.44
C ASP A 241 7.22 -18.13 22.25
N MET A 242 6.03 -17.59 21.94
CA MET A 242 5.26 -18.11 20.82
C MET A 242 5.94 -17.83 19.49
N LEU A 243 6.38 -16.58 19.28
CA LEU A 243 6.97 -16.21 18.00
C LEU A 243 8.24 -17.00 17.73
N GLY A 244 9.02 -17.25 18.78
CA GLY A 244 10.28 -17.97 18.63
C GLY A 244 10.13 -19.41 18.16
N LEU A 245 8.91 -19.94 18.13
CA LEU A 245 8.70 -21.29 17.61
C LEU A 245 8.64 -21.32 16.08
N ALA A 246 8.42 -20.17 15.45
CA ALA A 246 8.09 -20.10 14.04
C ALA A 246 9.31 -19.75 13.19
N GLN A 247 9.33 -20.30 11.96
CA GLN A 247 10.38 -19.97 11.01
C GLN A 247 10.05 -18.70 10.24
N ALA A 248 8.78 -18.37 10.10
CA ALA A 248 8.35 -17.11 9.50
C ALA A 248 7.05 -16.70 10.15
N VAL A 249 6.79 -15.40 10.17
CA VAL A 249 5.53 -14.86 10.72
C VAL A 249 5.06 -13.72 9.82
N THR A 250 3.75 -13.51 9.79
CA THR A 250 3.15 -12.36 9.13
C THR A 250 2.23 -11.68 10.13
N PHE A 251 2.09 -10.36 10.00
CA PHE A 251 1.09 -9.61 10.78
C PHE A 251 0.34 -8.69 9.84
N SER A 252 -0.97 -8.57 10.06
CA SER A 252 -1.68 -7.33 9.80
C SER A 252 -1.51 -6.46 11.03
N LEU A 253 -0.90 -5.27 10.88
CA LEU A 253 -0.60 -4.51 12.08
C LEU A 253 -1.81 -3.73 12.59
N SER A 254 -2.88 -3.64 11.81
CA SER A 254 -3.94 -2.71 12.16
C SER A 254 -4.96 -3.30 13.14
N1 LLP A 255 -4.85 -12.35 9.07
C2 LLP A 255 -5.70 -12.13 10.07
C2' LLP A 255 -5.82 -13.10 11.28
C3 LLP A 255 -6.50 -10.96 10.06
O3 LLP A 255 -7.38 -10.74 11.12
C4 LLP A 255 -6.42 -10.08 9.01
C4' LLP A 255 -7.37 -8.78 9.11
C5 LLP A 255 -5.55 -10.31 7.98
C6 LLP A 255 -4.77 -11.46 8.00
C5' LLP A 255 -5.42 -9.34 6.74
OP4 LLP A 255 -4.78 -8.15 7.12
P LLP A 255 -5.00 -6.83 6.31
OP1 LLP A 255 -6.48 -6.40 6.53
OP2 LLP A 255 -4.74 -7.07 4.87
OP3 LLP A 255 -4.07 -5.80 6.91
N LLP A 255 -4.71 -4.51 13.64
CA LLP A 255 -5.62 -5.12 14.66
CB LLP A 255 -5.83 -6.60 14.41
CG LLP A 255 -6.84 -6.90 13.29
CD LLP A 255 -6.25 -6.60 11.90
CE LLP A 255 -7.19 -6.97 10.72
NZ LLP A 255 -7.33 -8.41 10.52
C LLP A 255 -5.13 -4.97 16.08
O LLP A 255 -5.96 -4.79 16.97
N ASP A 256 -3.81 -5.06 16.30
CA ASP A 256 -3.19 -5.01 17.64
C ASP A 256 -2.29 -3.80 17.93
N PHE A 257 -1.92 -3.01 16.91
CA PHE A 257 -0.89 -2.00 17.11
C PHE A 257 -1.39 -0.58 16.94
N GLY A 258 -2.69 -0.36 16.77
CA GLY A 258 -3.19 1.00 16.75
C GLY A 258 -2.58 1.81 15.60
N VAL A 259 -2.59 1.22 14.40
CA VAL A 259 -2.15 1.89 13.17
C VAL A 259 -3.21 1.68 12.13
N ASP A 260 -3.23 2.57 11.13
CA ASP A 260 -4.34 2.66 10.17
C ASP A 260 -4.20 1.68 9.01
N GLY A 261 -3.13 0.92 8.98
CA GLY A 261 -2.88 -0.04 7.92
C GLY A 261 -1.46 -0.54 8.04
N GLY A 262 -1.12 -1.50 7.20
CA GLY A 262 0.24 -1.98 7.26
C GLY A 262 0.36 -3.43 7.68
N GLY A 263 1.44 -4.06 7.21
CA GLY A 263 1.75 -5.43 7.57
C GLY A 263 3.24 -5.60 7.82
N LEU A 264 3.57 -6.78 8.31
CA LEU A 264 4.95 -7.12 8.68
C LEU A 264 5.18 -8.57 8.31
N VAL A 265 6.32 -8.86 7.67
CA VAL A 265 6.82 -10.23 7.50
C VAL A 265 8.17 -10.35 8.19
N ALA A 266 8.40 -11.46 8.88
CA ALA A 266 9.70 -11.68 9.49
C ALA A 266 10.05 -13.15 9.36
N THR A 267 11.34 -13.44 9.31
CA THR A 267 11.76 -14.83 9.20
C THR A 267 13.15 -15.03 9.79
N THR A 268 13.41 -16.28 10.18
CA THR A 268 14.76 -16.72 10.52
C THR A 268 15.48 -17.33 9.34
N ASP A 269 14.77 -17.59 8.25
CA ASP A 269 15.28 -18.39 7.14
C ASP A 269 16.09 -17.50 6.22
N GLU A 270 17.39 -17.81 6.07
CA GLU A 270 18.26 -16.96 5.25
C GLU A 270 17.83 -16.94 3.79
N ARG A 271 17.40 -18.10 3.27
CA ARG A 271 17.03 -18.18 1.86
C ARG A 271 15.73 -17.42 1.60
N LEU A 272 14.73 -17.60 2.46
CA LEU A 272 13.51 -16.81 2.34
C LEU A 272 13.80 -15.33 2.45
N ALA A 273 14.69 -14.94 3.37
CA ALA A 273 15.03 -13.53 3.55
C ALA A 273 15.67 -12.94 2.30
N GLU A 274 16.56 -13.69 1.66
CA GLU A 274 17.17 -13.18 0.43
C GLU A 274 16.14 -12.95 -0.67
N ARG A 275 15.17 -13.86 -0.82
CA ARG A 275 14.14 -13.68 -1.83
C ARG A 275 13.22 -12.50 -1.51
N LEU A 276 12.84 -12.35 -0.24
CA LEU A 276 12.04 -11.19 0.16
C LEU A 276 12.78 -9.90 -0.14
N THR A 277 14.08 -9.88 0.15
CA THR A 277 14.90 -8.69 -0.09
C THR A 277 14.99 -8.40 -1.58
N GLU A 278 15.26 -9.42 -2.39
CA GLU A 278 15.38 -9.23 -3.83
C GLU A 278 14.12 -8.61 -4.41
N ARG A 279 12.95 -9.16 -4.06
CA ARG A 279 11.69 -8.62 -4.55
C ARG A 279 11.46 -7.20 -4.04
N MET A 280 11.86 -6.92 -2.81
CA MET A 280 11.72 -5.57 -2.29
C MET A 280 12.60 -4.59 -3.07
N LEU A 281 13.79 -5.04 -3.49
CA LEU A 281 14.64 -4.17 -4.28
C LEU A 281 14.08 -3.95 -5.68
N GLU A 282 13.37 -4.95 -6.24
CA GLU A 282 12.82 -4.79 -7.58
C GLU A 282 11.59 -3.88 -7.59
N ARG A 283 10.72 -4.06 -6.60
CA ARG A 283 9.41 -3.41 -6.56
C ARG A 283 9.29 -2.28 -5.54
N GLY A 284 10.28 -2.10 -4.67
CA GLY A 284 10.28 -0.99 -3.75
C GLY A 284 9.62 -1.33 -2.42
N ARG A 285 9.89 -0.48 -1.43
CA ARG A 285 9.34 -0.67 -0.10
C ARG A 285 7.87 -0.22 -0.05
N GLU A 286 7.16 -0.72 0.94
CA GLU A 286 5.74 -0.42 1.08
C GLU A 286 5.38 -0.57 2.55
N PRO A 287 4.47 0.27 3.09
CA PRO A 287 3.78 1.41 2.48
C PRO A 287 4.73 2.60 2.35
N GLY A 288 4.21 3.82 2.16
CA GLY A 288 5.08 4.98 1.98
C GLY A 288 5.88 5.28 3.23
N LEU A 289 6.88 6.16 3.06
CA LEU A 289 7.86 6.41 4.13
C LEU A 289 7.20 6.95 5.38
N SER A 290 6.32 7.95 5.25
CA SER A 290 5.67 8.51 6.42
C SER A 290 4.91 7.43 7.21
N ALA A 291 4.19 6.55 6.50
CA ALA A 291 3.48 5.45 7.15
C ALA A 291 4.44 4.51 7.84
N ARG A 292 5.56 4.17 7.18
CA ARG A 292 6.57 3.28 7.78
C ARG A 292 7.19 3.89 9.05
N ARG A 293 7.38 5.21 9.10
CA ARG A 293 7.88 5.79 10.35
C ARG A 293 6.86 5.67 11.48
N VAL A 294 5.58 5.85 11.18
CA VAL A 294 4.53 5.66 12.19
C VAL A 294 4.43 4.20 12.60
N LEU A 295 4.53 3.27 11.64
CA LEU A 295 4.58 1.85 11.99
C LEU A 295 5.77 1.55 12.89
N SER A 296 6.93 2.08 12.55
CA SER A 296 8.11 1.86 13.41
C SER A 296 7.86 2.39 14.82
N ALA A 297 7.27 3.59 14.93
CA ALA A 297 7.01 4.13 16.26
C ALA A 297 6.02 3.27 17.05
N ALA A 298 5.02 2.72 16.36
CA ALA A 298 4.04 1.87 17.03
C ALA A 298 4.66 0.60 17.54
N LEU A 299 5.51 -0.03 16.72
CA LEU A 299 6.16 -1.27 17.14
C LEU A 299 7.11 -1.03 18.29
N LEU A 300 7.76 0.14 18.31
CA LEU A 300 8.72 0.44 19.36
C LEU A 300 8.05 0.83 20.68
N HIS A 301 6.91 1.53 20.62
CA HIS A 301 6.30 2.10 21.82
C HIS A 301 5.39 1.04 22.48
N GLN A 302 6.05 0.05 23.09
CA GLN A 302 5.32 -1.06 23.68
C GLN A 302 4.31 -0.60 24.73
N GLU A 303 4.60 0.49 25.43
CA GLU A 303 3.74 0.94 26.52
C GLU A 303 2.32 1.25 26.02
N SER A 304 2.18 1.90 24.85
CA SER A 304 0.82 2.21 24.42
C SER A 304 0.12 1.02 23.78
N THR A 305 0.88 0.15 23.10
CA THR A 305 0.28 -1.08 22.57
C THR A 305 -0.19 -1.98 23.69
N GLU A 306 0.65 -2.16 24.72
CA GLU A 306 0.21 -2.93 25.88
C GLU A 306 -1.07 -2.33 26.48
N ARG A 307 -1.11 -1.01 26.63
CA ARG A 307 -2.28 -0.38 27.23
C ARG A 307 -3.53 -0.63 26.39
N LEU A 308 -3.42 -0.43 25.07
CA LEU A 308 -4.57 -0.57 24.19
C LEU A 308 -5.04 -2.02 24.08
N VAL A 309 -4.09 -2.96 23.95
CA VAL A 309 -4.49 -4.37 23.85
C VAL A 309 -5.08 -4.86 25.16
N THR A 310 -4.48 -4.52 26.30
N THR A 310 -4.46 -4.53 26.29
CA THR A 310 -5.04 -4.98 27.57
CA THR A 310 -5.02 -4.95 27.57
C THR A 310 -6.43 -4.41 27.78
C THR A 310 -6.43 -4.41 27.74
N ARG A 311 -6.63 -3.12 27.44
CA ARG A 311 -7.95 -2.50 27.56
C ARG A 311 -8.96 -3.18 26.64
N ARG A 312 -8.55 -3.50 25.42
CA ARG A 312 -9.49 -4.08 24.46
C ARG A 312 -9.95 -5.46 24.91
N VAL A 313 -9.01 -6.31 25.33
CA VAL A 313 -9.40 -7.63 25.81
C VAL A 313 -10.31 -7.50 27.03
N ALA A 314 -9.99 -6.56 27.93
CA ALA A 314 -10.83 -6.33 29.09
C ALA A 314 -12.19 -5.77 28.69
N ASP A 315 -12.22 -4.94 27.64
CA ASP A 315 -13.49 -4.38 27.19
C ASP A 315 -14.36 -5.45 26.53
N VAL A 316 -13.75 -6.37 25.79
CA VAL A 316 -14.50 -7.51 25.26
C VAL A 316 -15.11 -8.30 26.40
N ALA A 317 -14.32 -8.55 27.46
CA ALA A 317 -14.82 -9.31 28.60
C ALA A 317 -15.99 -8.58 29.29
N ALA A 318 -15.90 -7.25 29.39
CA ALA A 318 -16.97 -6.47 30.00
C ALA A 318 -18.22 -6.47 29.13
N PHE A 319 -18.01 -6.30 27.81
CA PHE A 319 -19.09 -6.40 26.84
C PHE A 319 -19.77 -7.76 26.94
N ARG A 320 -18.96 -8.82 26.98
CA ARG A 320 -19.50 -10.17 27.13
C ARG A 320 -20.36 -10.28 28.38
N GLN A 321 -19.84 -9.80 29.52
CA GLN A 321 -20.58 -9.92 30.79
C GLN A 321 -21.91 -9.17 30.74
N ARG A 322 -21.91 -7.98 30.15
CA ARG A 322 -23.13 -7.17 30.07
C ARG A 322 -24.17 -7.83 29.16
N LEU A 323 -23.72 -8.39 28.03
CA LEU A 323 -24.60 -9.16 27.16
C LEU A 323 -25.20 -10.34 27.92
N GLU A 324 -24.35 -11.10 28.63
CA GLU A 324 -24.85 -12.18 29.49
C GLU A 324 -25.88 -11.68 30.49
N LEU A 325 -25.58 -10.58 31.18
CA LEU A 325 -26.50 -10.01 32.16
C LEU A 325 -27.86 -9.71 31.53
N GLY A 326 -27.87 -9.28 30.27
CA GLY A 326 -29.09 -9.04 29.55
C GLY A 326 -29.71 -10.22 28.85
N GLY A 327 -29.19 -11.44 29.04
CA GLY A 327 -29.77 -12.59 28.38
C GLY A 327 -29.47 -12.75 26.90
N VAL A 328 -28.43 -12.07 26.40
CA VAL A 328 -28.02 -12.24 24.99
C VAL A 328 -27.16 -13.51 24.87
N PRO A 329 -27.56 -14.48 24.05
CA PRO A 329 -26.81 -15.75 23.99
C PRO A 329 -25.55 -15.62 23.14
N LEU A 330 -24.43 -16.04 23.72
CA LEU A 330 -23.12 -15.88 23.08
C LEU A 330 -22.39 -17.22 23.06
N VAL A 331 -21.59 -17.43 22.02
CA VAL A 331 -20.58 -18.49 22.09
C VAL A 331 -19.64 -18.19 23.27
N PRO A 332 -19.34 -19.15 24.14
CA PRO A 332 -18.54 -18.83 25.33
C PRO A 332 -17.12 -18.44 25.00
N GLY A 333 -16.51 -17.71 25.93
CA GLY A 333 -15.15 -17.23 25.77
C GLY A 333 -14.21 -17.97 26.69
N PRO A 334 -13.09 -17.35 27.07
CA PRO A 334 -12.72 -15.96 26.80
C PRO A 334 -12.21 -15.72 25.38
N THR A 335 -12.41 -14.52 24.86
CA THR A 335 -11.96 -14.19 23.52
C THR A 335 -11.17 -12.89 23.50
N ALA A 336 -10.45 -12.71 22.38
CA ALA A 336 -9.51 -11.61 22.17
C ALA A 336 -10.23 -10.36 21.71
N HIS A 337 -10.95 -10.45 20.60
CA HIS A 337 -11.28 -9.27 19.83
C HIS A 337 -12.75 -9.20 19.49
N CYS A 338 -13.54 -10.20 19.86
CA CYS A 338 -14.93 -10.21 19.43
C CYS A 338 -15.74 -11.12 20.34
N VAL A 339 -17.05 -10.99 20.25
CA VAL A 339 -17.94 -12.05 20.73
C VAL A 339 -18.74 -12.55 19.54
N LEU A 340 -19.20 -13.80 19.62
CA LEU A 340 -20.08 -14.38 18.61
C LEU A 340 -21.48 -14.50 19.21
N LEU A 341 -22.42 -13.78 18.61
CA LEU A 341 -23.82 -13.86 19.00
C LEU A 341 -24.46 -15.06 18.31
N ASP A 342 -25.21 -15.85 19.08
CA ASP A 342 -25.81 -17.07 18.54
C ASP A 342 -27.24 -16.77 18.07
N VAL A 343 -27.42 -16.64 16.75
CA VAL A 343 -28.72 -16.24 16.19
C VAL A 343 -29.77 -17.32 16.48
N ASP A 344 -29.38 -18.59 16.43
CA ASP A 344 -30.34 -19.66 16.68
C ASP A 344 -30.97 -19.51 18.06
N LYS A 345 -30.19 -19.12 19.06
CA LYS A 345 -30.75 -18.93 20.39
C LYS A 345 -31.36 -17.54 20.58
N ALA A 346 -30.86 -16.52 19.87
CA ALA A 346 -31.37 -15.16 20.05
C ALA A 346 -32.74 -14.97 19.39
N ALA A 347 -32.98 -15.65 18.27
CA ALA A 347 -34.26 -15.58 17.58
C ALA A 347 -34.85 -16.98 17.44
N PRO A 348 -35.16 -17.65 18.55
CA PRO A 348 -35.84 -18.95 18.46
C PRO A 348 -37.31 -18.74 18.19
N GLY A 349 -37.90 -19.70 17.47
CA GLY A 349 -39.28 -19.56 17.09
C GLY A 349 -39.50 -19.63 15.60
N THR A 350 -40.12 -18.61 15.03
CA THR A 350 -40.56 -18.67 13.65
C THR A 350 -39.36 -18.64 12.70
N PRO A 351 -39.50 -19.22 11.50
CA PRO A 351 -38.33 -19.57 10.69
C PRO A 351 -37.87 -18.48 9.74
N LEU A 352 -36.55 -18.31 9.65
CA LEU A 352 -35.94 -17.31 8.78
C LEU A 352 -35.18 -18.01 7.66
N ARG A 353 -35.46 -17.61 6.43
CA ARG A 353 -34.76 -18.16 5.26
C ARG A 353 -33.26 -17.85 5.32
N HIS A 354 -32.91 -16.64 5.73
CA HIS A 354 -31.52 -16.20 5.88
C HIS A 354 -31.36 -15.64 7.28
N PRO A 355 -31.17 -16.51 8.28
CA PRO A 355 -31.24 -16.04 9.67
C PRO A 355 -30.22 -14.97 10.00
N VAL A 356 -28.96 -15.15 9.59
CA VAL A 356 -27.92 -14.19 9.96
C VAL A 356 -28.19 -12.83 9.29
N ALA A 357 -28.45 -12.84 7.99
CA ALA A 357 -28.76 -11.60 7.28
C ALA A 357 -29.99 -10.91 7.89
N SER A 358 -31.08 -11.67 8.12
CA SER A 358 -32.25 -11.02 8.70
C SER A 358 -31.95 -10.45 10.08
N TYR A 359 -31.21 -11.18 10.91
CA TYR A 359 -30.95 -10.69 12.25
C TYR A 359 -29.97 -9.52 12.25
N LEU A 360 -28.99 -9.53 11.34
CA LEU A 360 -28.10 -8.37 11.21
C LEU A 360 -28.90 -7.11 10.88
N SER A 361 -29.84 -7.22 9.94
CA SER A 361 -30.69 -6.10 9.58
C SER A 361 -31.55 -5.66 10.75
N TRP A 362 -32.18 -6.64 11.42
CA TRP A 362 -33.00 -6.41 12.61
C TRP A 362 -32.21 -5.66 13.68
N ILE A 363 -30.99 -6.12 13.97
CA ILE A 363 -30.16 -5.48 14.99
C ILE A 363 -29.85 -4.05 14.60
N TYR A 364 -29.45 -3.86 13.35
CA TYR A 364 -29.04 -2.51 12.93
C TYR A 364 -30.22 -1.55 12.98
N ALA A 365 -31.36 -1.95 12.40
CA ALA A 365 -32.55 -1.10 12.43
C ALA A 365 -32.91 -0.68 13.86
N ALA A 366 -32.88 -1.63 14.81
CA ALA A 366 -33.36 -1.34 16.17
C ALA A 366 -32.34 -0.60 17.02
N THR A 367 -31.05 -0.88 16.83
CA THR A 367 -30.02 -0.44 17.75
C THR A 367 -28.97 0.47 17.16
N GLY A 368 -28.82 0.54 15.82
CA GLY A 368 -27.68 1.24 15.24
C GLY A 368 -26.35 0.51 15.36
N VAL A 369 -26.35 -0.71 15.89
CA VAL A 369 -25.12 -1.51 15.98
C VAL A 369 -24.99 -2.34 14.72
N ARG A 370 -23.81 -2.33 14.10
CA ARG A 370 -23.60 -3.16 12.93
C ARG A 370 -22.62 -4.28 13.27
N GLY A 371 -23.10 -5.52 13.16
CA GLY A 371 -22.23 -6.67 13.20
C GLY A 371 -21.93 -7.18 11.81
N GLY A 372 -21.29 -8.35 11.76
CA GLY A 372 -21.06 -9.02 10.50
C GLY A 372 -21.34 -10.52 10.61
N PRO A 373 -21.48 -11.18 9.47
CA PRO A 373 -21.70 -12.63 9.51
C PRO A 373 -20.42 -13.33 9.90
N HIS A 374 -20.57 -14.40 10.68
CA HIS A 374 -19.45 -15.28 10.98
C HIS A 374 -19.79 -16.66 10.42
N LEU A 375 -19.17 -17.03 9.31
CA LEU A 375 -19.35 -18.38 8.77
C LEU A 375 -17.98 -19.02 8.67
N ALA A 376 -17.47 -19.46 9.80
CA ALA A 376 -16.15 -20.05 9.84
C ALA A 376 -16.18 -21.34 10.64
N PRO A 377 -15.42 -22.35 10.24
CA PRO A 377 -15.49 -23.66 10.87
C PRO A 377 -14.35 -23.90 11.86
N PRO A 388 -26.27 -28.73 11.46
CA PRO A 388 -24.80 -28.70 11.51
C PRO A 388 -24.25 -27.31 11.24
N GLU A 389 -24.97 -26.53 10.43
CA GLU A 389 -24.59 -25.16 10.13
C GLU A 389 -25.01 -24.25 11.27
N ARG A 390 -24.07 -23.42 11.73
CA ARG A 390 -24.34 -22.49 12.81
C ARG A 390 -24.62 -21.11 12.23
N HIS A 391 -25.55 -20.40 12.85
CA HIS A 391 -25.92 -19.06 12.42
C HIS A 391 -25.40 -18.09 13.46
N LEU A 392 -24.24 -17.50 13.17
CA LEU A 392 -23.47 -16.72 14.13
C LEU A 392 -23.21 -15.32 13.58
N ILE A 393 -23.22 -14.34 14.47
CA ILE A 393 -22.88 -12.96 14.13
C ILE A 393 -21.64 -12.56 14.92
N ARG A 394 -20.63 -12.01 14.25
CA ARG A 394 -19.43 -11.54 14.94
C ARG A 394 -19.59 -10.07 15.30
N LEU A 395 -19.43 -9.76 16.59
CA LEU A 395 -19.37 -8.39 17.07
C LEU A 395 -17.94 -8.14 17.53
N ALA A 396 -17.17 -7.38 16.74
CA ALA A 396 -15.74 -7.19 16.98
C ALA A 396 -15.47 -5.81 17.55
N VAL A 397 -14.44 -5.70 18.38
CA VAL A 397 -14.13 -4.48 19.13
C VAL A 397 -12.76 -3.96 18.72
N PRO A 398 -12.65 -2.80 18.07
CA PRO A 398 -11.32 -2.27 17.75
C PRO A 398 -10.62 -1.73 18.99
N LEU A 399 -9.29 -1.74 18.94
CA LEU A 399 -8.52 -0.95 19.89
C LEU A 399 -9.04 0.47 19.90
N GLY A 400 -9.12 1.07 21.09
CA GLY A 400 -9.49 2.47 21.22
C GLY A 400 -10.96 2.71 21.47
N MET A 401 -11.83 1.72 21.27
CA MET A 401 -13.23 1.94 21.52
C MET A 401 -13.48 2.12 23.02
N GLU A 402 -14.48 2.95 23.36
CA GLU A 402 -14.84 3.20 24.75
C GLU A 402 -15.72 2.09 25.30
N ARG A 403 -15.46 1.68 26.55
CA ARG A 403 -16.28 0.64 27.15
C ARG A 403 -17.73 1.08 27.30
N LYS A 404 -17.96 2.38 27.55
CA LYS A 404 -19.33 2.86 27.72
C LYS A 404 -20.15 2.68 26.46
N ALA A 405 -19.51 2.84 25.30
CA ALA A 405 -20.18 2.56 24.03
C ALA A 405 -20.61 1.11 23.94
N LEU A 406 -19.72 0.19 24.33
CA LEU A 406 -20.06 -1.23 24.32
C LEU A 406 -21.16 -1.56 25.31
N GLU A 407 -21.09 -1.01 26.51
CA GLU A 407 -22.10 -1.35 27.49
C GLU A 407 -23.48 -0.82 27.06
N GLY A 408 -23.52 0.38 26.48
CA GLY A 408 -24.77 0.84 25.90
C GLY A 408 -25.26 -0.06 24.78
N ALA A 409 -24.35 -0.49 23.91
CA ALA A 409 -24.75 -1.38 22.83
C ALA A 409 -25.31 -2.69 23.37
N ALA A 410 -24.66 -3.26 24.39
CA ALA A 410 -25.16 -4.49 24.99
C ALA A 410 -26.56 -4.28 25.55
N ASP A 411 -26.79 -3.14 26.21
CA ASP A 411 -28.11 -2.88 26.78
C ASP A 411 -29.17 -2.79 25.70
N ARG A 412 -28.84 -2.18 24.56
CA ARG A 412 -29.81 -2.10 23.46
C ARG A 412 -30.02 -3.48 22.86
N LEU A 413 -28.95 -4.27 22.72
N LEU A 413 -28.95 -4.27 22.72
CA LEU A 413 -29.08 -5.64 22.23
CA LEU A 413 -29.09 -5.64 22.23
C LEU A 413 -29.89 -6.49 23.19
C LEU A 413 -29.90 -6.48 23.19
N ALA A 414 -29.71 -6.27 24.49
CA ALA A 414 -30.51 -6.97 25.49
C ALA A 414 -31.99 -6.64 25.33
N GLU A 415 -32.31 -5.35 25.07
CA GLU A 415 -33.72 -5.01 24.90
C GLU A 415 -34.29 -5.64 23.64
N LEU A 416 -33.49 -5.67 22.58
CA LEU A 416 -33.94 -6.26 21.32
C LEU A 416 -34.21 -7.75 21.49
N VAL A 417 -33.33 -8.45 22.21
CA VAL A 417 -33.56 -9.87 22.48
C VAL A 417 -34.82 -10.07 23.32
N ALA A 418 -35.09 -9.14 24.25
CA ALA A 418 -36.28 -9.25 25.09
C ALA A 418 -37.56 -8.87 24.36
N ASP A 419 -37.46 -8.31 23.18
CA ASP A 419 -38.62 -7.94 22.39
C ASP A 419 -39.22 -9.19 21.76
N PRO A 420 -40.52 -9.42 21.90
CA PRO A 420 -41.14 -10.61 21.31
C PRO A 420 -41.48 -10.48 19.83
N ALA A 421 -41.44 -9.27 19.28
CA ALA A 421 -41.83 -9.05 17.89
C ALA A 421 -41.06 -9.97 16.97
N PRO A 422 -41.71 -10.61 15.99
CA PRO A 422 -40.99 -11.51 15.08
C PRO A 422 -40.01 -10.75 14.20
N VAL A 423 -38.86 -11.37 13.94
CA VAL A 423 -37.83 -10.77 13.10
C VAL A 423 -38.31 -10.77 11.65
N ALA A 424 -38.21 -9.61 10.99
CA ALA A 424 -38.63 -9.51 9.60
C ALA A 424 -37.80 -10.43 8.71
N ASP A 425 -38.46 -11.25 7.90
CA ASP A 425 -37.76 -12.16 7.01
C ASP A 425 -37.25 -11.40 5.78
N LEU A 426 -36.05 -11.77 5.33
CA LEU A 426 -35.46 -11.18 4.13
C LEU A 426 -35.38 -12.21 3.00
N THR A 427 -35.60 -11.75 1.77
CA THR A 427 -35.42 -12.55 0.57
C THR A 427 -34.20 -12.04 -0.18
N GLU A 428 -33.34 -12.96 -0.61
CA GLU A 428 -32.16 -12.53 -1.36
C GLU A 428 -32.54 -12.16 -2.78
N VAL A 429 -31.97 -11.06 -3.27
CA VAL A 429 -32.14 -10.61 -4.64
C VAL A 429 -30.96 -11.13 -5.45
N PRO A 430 -31.18 -11.94 -6.50
CA PRO A 430 -30.12 -12.51 -7.33
C PRO A 430 -29.60 -11.57 -8.40
N ALA A 437 -19.72 -12.95 -2.58
CA ALA A 437 -20.49 -12.76 -1.35
C ALA A 437 -21.14 -11.37 -1.30
N LEU A 438 -21.44 -10.90 -0.09
CA LEU A 438 -22.02 -9.57 0.17
C LEU A 438 -23.34 -9.36 -0.61
N ARG A 439 -24.34 -10.14 -0.22
CA ARG A 439 -25.59 -10.23 -0.95
C ARG A 439 -26.46 -8.99 -0.72
N VAL A 440 -27.49 -8.87 -1.56
CA VAL A 440 -28.51 -7.84 -1.45
C VAL A 440 -29.85 -8.52 -1.19
N TYR A 441 -30.66 -7.92 -0.33
CA TYR A 441 -31.90 -8.53 0.12
C TYR A 441 -33.05 -7.56 -0.02
N HIS A 442 -34.26 -8.11 0.12
CA HIS A 442 -35.45 -7.30 0.20
C HIS A 442 -36.37 -7.96 1.20
N PRO A 443 -37.08 -7.17 2.01
CA PRO A 443 -38.01 -7.78 2.97
C PRO A 443 -39.03 -8.62 2.25
N THR A 444 -39.22 -9.85 2.75
CA THR A 444 -40.07 -10.82 2.07
C THR A 444 -41.52 -10.36 2.03
N ASP A 445 -42.02 -9.79 3.12
CA ASP A 445 -43.41 -9.36 3.15
C ASP A 445 -43.70 -8.27 2.14
N ALA A 446 -42.68 -7.51 1.74
CA ALA A 446 -42.84 -6.44 0.77
C ALA A 446 -42.83 -6.93 -0.66
N LEU A 447 -42.55 -8.21 -0.92
CA LEU A 447 -42.41 -8.71 -2.28
C LEU A 447 -43.74 -9.28 -2.78
N PRO A 448 -44.28 -8.80 -3.91
CA PRO A 448 -45.44 -9.47 -4.50
C PRO A 448 -45.14 -10.92 -4.81
N ALA A 449 -46.19 -11.74 -4.80
CA ALA A 449 -46.03 -13.19 -4.98
C ALA A 449 -45.29 -13.51 -6.28
N ASP A 450 -45.55 -12.74 -7.33
CA ASP A 450 -44.81 -12.92 -8.59
C ASP A 450 -43.33 -12.67 -8.39
N ILE A 451 -42.99 -11.51 -7.80
CA ILE A 451 -41.58 -11.17 -7.59
C ILE A 451 -40.87 -12.19 -6.71
N ARG A 452 -41.55 -12.69 -5.67
CA ARG A 452 -40.97 -13.72 -4.82
C ARG A 452 -40.56 -14.93 -5.65
N ARG A 453 -41.50 -15.48 -6.41
CA ARG A 453 -41.23 -16.63 -7.27
C ARG A 453 -40.20 -16.28 -8.35
N ALA B 24 28.71 24.68 3.01
CA ALA B 24 27.76 23.85 3.76
C ALA B 24 28.45 23.21 4.96
N PRO B 25 27.94 23.48 6.16
CA PRO B 25 28.53 22.90 7.36
C PRO B 25 28.37 21.37 7.38
N ASP B 26 29.09 20.75 8.31
CA ASP B 26 28.88 19.33 8.63
C ASP B 26 29.29 18.40 7.47
N ARG B 27 30.37 18.77 6.78
CA ARG B 27 30.92 17.88 5.77
C ARG B 27 31.32 16.52 6.37
N GLY B 28 31.90 16.53 7.57
CA GLY B 28 32.38 15.32 8.20
C GLY B 28 31.30 14.28 8.40
N PRO B 29 30.17 14.67 9.03
CA PRO B 29 29.05 13.73 9.13
C PRO B 29 28.54 13.23 7.79
N ARG B 30 28.54 14.06 6.75
CA ARG B 30 28.11 13.57 5.45
C ARG B 30 29.10 12.56 4.90
N LEU B 31 30.39 12.78 5.15
CA LEU B 31 31.37 11.79 4.71
C LEU B 31 31.21 10.48 5.47
N ALA B 32 30.87 10.55 6.76
CA ALA B 32 30.56 9.33 7.50
C ALA B 32 29.29 8.64 6.97
N ARG B 33 28.26 9.42 6.62
CA ARG B 33 27.08 8.82 6.00
C ARG B 33 27.40 8.16 4.68
N LEU B 34 28.21 8.82 3.85
CA LEU B 34 28.59 8.18 2.60
C LEU B 34 29.33 6.87 2.87
N ALA B 35 30.23 6.87 3.86
CA ALA B 35 30.99 5.67 4.16
C ALA B 35 30.09 4.53 4.63
N ALA B 36 29.06 4.84 5.42
CA ALA B 36 28.15 3.82 5.89
C ALA B 36 27.24 3.27 4.80
N HIS B 37 27.20 3.92 3.64
CA HIS B 37 26.26 3.57 2.58
C HIS B 37 26.98 3.39 1.25
N GLY B 38 28.15 2.76 1.26
CA GLY B 38 28.83 2.40 0.02
C GLY B 38 29.09 3.56 -0.92
N HIS B 39 29.34 4.77 -0.37
CA HIS B 39 29.57 5.99 -1.15
C HIS B 39 28.52 6.20 -2.22
N ASN B 40 27.27 5.86 -1.89
CA ASN B 40 26.14 6.02 -2.79
C ASN B 40 25.07 6.80 -2.03
N PRO B 41 24.94 8.10 -2.28
CA PRO B 41 24.00 8.88 -1.44
C PRO B 41 22.56 8.46 -1.62
N VAL B 42 22.24 7.76 -2.72
CA VAL B 42 20.88 7.27 -2.90
C VAL B 42 20.48 6.29 -1.80
N LEU B 43 21.45 5.63 -1.17
CA LEU B 43 21.14 4.65 -0.14
C LEU B 43 20.97 5.28 1.25
N ILE B 44 21.30 6.55 1.41
CA ILE B 44 21.15 7.22 2.72
C ILE B 44 19.67 7.40 3.01
N PRO B 45 19.22 7.18 4.25
CA PRO B 45 17.81 7.46 4.58
C PRO B 45 17.44 8.90 4.30
N HIS B 46 16.25 9.08 3.72
CA HIS B 46 15.75 10.41 3.40
C HIS B 46 15.82 11.37 4.59
N VAL B 47 15.45 10.89 5.78
CA VAL B 47 15.37 11.81 6.91
C VAL B 47 16.73 12.31 7.36
N GLU B 48 17.81 11.71 6.90
CA GLU B 48 19.16 12.12 7.28
C GLU B 48 19.80 13.04 6.25
N VAL B 49 19.13 13.30 5.13
CA VAL B 49 19.67 14.11 4.04
C VAL B 49 19.29 15.57 4.26
N GLU B 50 20.27 16.48 4.13
CA GLU B 50 19.98 17.91 4.35
C GLU B 50 18.96 18.45 3.35
N LEU B 51 19.19 18.27 2.05
CA LEU B 51 18.21 18.69 1.06
C LEU B 51 18.07 17.57 0.06
N ASP B 52 16.94 16.86 0.12
CA ASP B 52 16.75 15.69 -0.71
C ASP B 52 16.06 16.10 -1.99
N LEU B 53 16.75 15.95 -3.13
CA LEU B 53 16.16 16.17 -4.44
C LEU B 53 16.20 14.88 -5.27
N VAL B 54 16.17 13.73 -4.61
CA VAL B 54 16.28 12.47 -5.36
C VAL B 54 14.95 12.13 -6.04
N THR B 55 13.83 12.60 -5.50
CA THR B 55 12.53 12.27 -6.04
C THR B 55 11.54 13.34 -5.62
N ASP B 56 10.49 13.52 -6.43
CA ASP B 56 9.35 14.33 -6.00
C ASP B 56 8.26 13.52 -5.30
N SER B 57 8.42 12.22 -5.20
CA SER B 57 7.38 11.37 -4.63
C SER B 57 7.24 11.58 -3.12
N TRP B 58 6.05 11.99 -2.68
CA TRP B 58 5.83 12.10 -1.25
C TRP B 58 5.85 10.73 -0.58
N ALA B 59 5.64 9.64 -1.35
CA ALA B 59 5.67 8.30 -0.76
C ALA B 59 7.08 7.91 -0.31
N ASP B 60 8.09 8.64 -0.76
CA ASP B 60 9.48 8.39 -0.38
C ASP B 60 10.04 9.49 0.50
N ARG B 61 9.19 10.32 1.09
CA ARG B 61 9.63 11.52 1.79
C ARG B 61 8.79 11.68 3.06
N ALA B 62 9.30 12.49 3.98
CA ALA B 62 8.62 12.81 5.23
C ALA B 62 8.92 14.25 5.60
N ASP B 63 8.79 15.16 4.62
CA ASP B 63 9.07 16.57 4.87
C ASP B 63 8.04 17.14 5.83
N PRO B 64 8.38 18.21 6.58
CA PRO B 64 7.46 18.69 7.62
C PRO B 64 6.10 19.13 7.10
N TRP B 65 6.02 19.64 5.87
CA TRP B 65 4.75 20.12 5.36
C TRP B 65 3.77 18.98 5.05
N GLN B 66 4.25 17.73 5.00
CA GLN B 66 3.35 16.63 4.68
C GLN B 66 2.32 16.42 5.81
N ARG B 67 2.74 16.60 7.07
CA ARG B 67 1.80 16.37 8.17
C ARG B 67 0.66 17.38 8.16
N GLU B 68 0.98 18.66 7.91
CA GLU B 68 -0.05 19.69 7.87
C GLU B 68 -1.02 19.44 6.73
N ARG B 69 -0.51 18.93 5.61
CA ARG B 69 -1.38 18.68 4.48
C ARG B 69 -2.35 17.54 4.76
N THR B 70 -1.87 16.47 5.39
CA THR B 70 -2.75 15.35 5.74
C THR B 70 -3.85 15.82 6.67
N ARG B 71 -3.49 16.65 7.65
CA ARG B 71 -4.49 17.17 8.59
C ARG B 71 -5.54 18.00 7.87
N ALA B 72 -5.12 18.83 6.91
CA ALA B 72 -6.07 19.65 6.16
C ALA B 72 -7.01 18.79 5.33
N LEU B 73 -6.48 17.74 4.68
CA LEU B 73 -7.31 16.86 3.88
C LEU B 73 -8.24 16.03 4.74
N ALA B 74 -7.75 15.54 5.89
CA ALA B 74 -8.63 14.80 6.79
C ALA B 74 -9.79 15.68 7.28
N ASP B 75 -9.50 16.96 7.58
CA ASP B 75 -10.55 17.90 7.96
C ASP B 75 -11.57 18.09 6.84
N LEU B 76 -11.08 18.28 5.59
CA LEU B 76 -11.98 18.37 4.45
C LEU B 76 -12.83 17.11 4.29
N ALA B 77 -12.23 15.93 4.51
CA ALA B 77 -13.00 14.69 4.38
C ALA B 77 -14.14 14.64 5.39
N ASP B 78 -13.85 15.04 6.63
CA ASP B 78 -14.86 15.12 7.68
C ASP B 78 -15.97 16.10 7.28
N GLU B 79 -15.60 17.27 6.79
CA GLU B 79 -16.60 18.29 6.49
C GLU B 79 -17.54 17.88 5.36
N ALA B 80 -17.02 17.17 4.36
CA ALA B 80 -17.82 16.72 3.23
C ALA B 80 -18.44 15.35 3.43
N GLY B 81 -18.21 14.71 4.57
CA GLY B 81 -18.76 13.37 4.79
C GLY B 81 -18.22 12.31 3.86
N LEU B 82 -16.99 12.45 3.40
CA LEU B 82 -16.43 11.49 2.47
C LEU B 82 -16.31 10.14 3.16
N THR B 83 -16.62 9.08 2.43
CA THR B 83 -16.63 7.75 3.04
C THR B 83 -15.34 6.99 2.82
N GLY B 84 -14.61 7.28 1.76
CA GLY B 84 -13.46 6.51 1.40
C GLY B 84 -13.76 5.16 0.76
N GLU B 85 -15.03 4.83 0.53
CA GLU B 85 -15.36 3.49 0.03
C GLU B 85 -14.82 3.25 -1.35
N ARG B 86 -14.87 4.27 -2.20
CA ARG B 86 -14.50 4.20 -3.61
C ARG B 86 -14.15 5.62 -4.05
N PRO B 87 -13.44 5.78 -5.15
CA PRO B 87 -13.03 7.12 -5.55
C PRO B 87 -14.25 7.96 -5.89
N PRO B 88 -14.25 9.23 -5.49
CA PRO B 88 -15.40 10.09 -5.79
C PRO B 88 -15.52 10.35 -7.29
N GLU B 89 -16.72 10.74 -7.70
CA GLU B 89 -16.89 11.31 -9.03
C GLU B 89 -16.15 12.63 -9.08
N LEU B 90 -15.40 12.84 -10.16
CA LEU B 90 -14.52 14.00 -10.27
C LEU B 90 -14.82 14.76 -11.56
N PRO B 91 -15.08 16.07 -11.47
CA PRO B 91 -15.41 16.83 -12.68
C PRO B 91 -14.36 16.77 -13.75
N TRP B 92 -13.10 16.57 -13.39
CA TRP B 92 -11.98 16.65 -14.33
C TRP B 92 -11.54 15.30 -14.85
N LEU B 93 -12.07 14.21 -14.31
CA LEU B 93 -11.62 12.86 -14.66
C LEU B 93 -12.76 12.15 -15.37
N PRO B 94 -12.73 12.07 -16.71
CA PRO B 94 -13.92 11.64 -17.47
C PRO B 94 -14.03 10.12 -17.54
N PHE B 95 -14.06 9.45 -16.39
CA PHE B 95 -14.12 7.99 -16.37
C PHE B 95 -15.17 7.53 -15.38
N ALA B 96 -16.07 6.65 -15.82
CA ALA B 96 -17.12 6.13 -14.94
C ALA B 96 -16.61 5.07 -13.99
N HIS B 97 -15.48 4.43 -14.29
CA HIS B 97 -14.97 3.31 -13.51
C HIS B 97 -13.63 3.73 -12.94
N ARG B 98 -13.58 3.91 -11.62
CA ARG B 98 -12.40 4.43 -10.94
C ARG B 98 -12.10 3.53 -9.75
N PHE B 99 -10.81 3.24 -9.53
CA PHE B 99 -10.42 2.28 -8.49
C PHE B 99 -9.19 2.80 -7.75
N PHE B 100 -9.22 2.75 -6.42
CA PHE B 100 -8.01 3.09 -5.67
C PHE B 100 -7.03 1.93 -5.68
N ALA B 101 -5.74 2.24 -5.53
CA ALA B 101 -4.72 1.24 -5.31
C ALA B 101 -3.76 1.73 -4.25
N ALA B 102 -2.92 0.82 -3.74
CA ALA B 102 -2.00 1.20 -2.67
C ALA B 102 -0.91 2.16 -3.14
N SER B 103 -0.61 2.18 -4.43
CA SER B 103 0.48 3.00 -4.99
C SER B 103 0.27 3.04 -6.49
N GLY B 104 1.05 3.86 -7.19
CA GLY B 104 1.02 3.83 -8.63
C GLY B 104 1.43 2.48 -9.20
N ARG B 105 2.46 1.86 -8.63
CA ARG B 105 2.88 0.60 -9.23
C ARG B 105 1.88 -0.50 -8.94
N ALA B 106 1.13 -0.40 -7.83
CA ALA B 106 0.04 -1.34 -7.62
C ALA B 106 -1.10 -1.09 -8.61
N ALA B 107 -1.36 0.18 -8.93
CA ALA B 107 -2.38 0.46 -9.92
C ALA B 107 -1.97 -0.11 -11.28
N GLU B 108 -0.70 0.02 -11.63
CA GLU B 108 -0.21 -0.58 -12.88
C GLU B 108 -0.43 -2.09 -12.87
N GLU B 109 -0.13 -2.73 -11.74
CA GLU B 109 -0.33 -4.17 -11.63
C GLU B 109 -1.80 -4.54 -11.78
N ARG B 110 -2.69 -3.77 -11.16
CA ARG B 110 -4.12 -4.07 -11.25
C ARG B 110 -4.58 -3.99 -12.69
N LEU B 111 -4.17 -2.93 -13.40
N LEU B 111 -4.16 -2.93 -13.40
CA LEU B 111 -4.56 -2.80 -14.81
CA LEU B 111 -4.54 -2.78 -14.81
C LEU B 111 -4.04 -3.97 -15.63
C LEU B 111 -4.03 -3.93 -15.65
N CYS B 112 -2.76 -4.33 -15.45
CA CYS B 112 -2.14 -5.33 -16.32
C CYS B 112 -2.71 -6.71 -16.02
N ARG B 113 -3.03 -6.98 -14.76
CA ARG B 113 -3.64 -8.25 -14.42
C ARG B 113 -5.06 -8.35 -14.99
N ALA B 114 -5.80 -7.26 -14.96
CA ALA B 114 -7.19 -7.28 -15.38
C ALA B 114 -7.36 -7.20 -16.88
N TRP B 115 -6.31 -6.87 -17.62
CA TRP B 115 -6.42 -6.60 -19.04
C TRP B 115 -7.12 -7.76 -19.76
N PRO B 116 -8.24 -7.50 -20.46
CA PRO B 116 -9.02 -8.61 -21.04
C PRO B 116 -8.47 -9.16 -22.35
N GLY B 117 -7.88 -8.32 -23.17
CA GLY B 117 -7.55 -8.76 -24.52
C GLY B 117 -6.37 -9.71 -24.55
N PRO B 118 -6.03 -10.18 -25.76
CA PRO B 118 -4.79 -10.95 -25.93
C PRO B 118 -3.57 -10.11 -25.56
N ARG B 119 -2.53 -10.78 -25.04
CA ARG B 119 -1.39 -10.05 -24.47
C ARG B 119 -0.20 -10.13 -25.42
N GLY B 120 0.12 -8.99 -26.03
CA GLY B 120 1.19 -8.89 -27.02
C GLY B 120 2.10 -7.73 -26.63
N ARG B 121 2.49 -6.94 -27.62
CA ARG B 121 3.41 -5.83 -27.35
C ARG B 121 2.66 -4.69 -26.69
N VAL B 122 3.39 -3.95 -25.86
CA VAL B 122 2.92 -2.66 -25.38
C VAL B 122 3.95 -1.64 -25.81
N LEU B 123 3.53 -0.72 -26.68
CA LEU B 123 4.40 0.33 -27.19
C LEU B 123 4.35 1.48 -26.20
N HIS B 124 5.51 1.98 -25.77
CA HIS B 124 5.51 3.00 -24.72
C HIS B 124 6.59 4.03 -24.98
N ASN B 125 6.39 5.24 -24.45
CA ASN B 125 7.36 6.32 -24.68
C ASN B 125 8.39 6.36 -23.54
N SER B 126 9.10 5.23 -23.37
CA SER B 126 10.07 5.06 -22.29
C SER B 126 9.42 5.26 -20.93
N ALA B 127 8.41 4.40 -20.68
CA ALA B 127 7.61 4.45 -19.47
C ALA B 127 8.40 4.16 -18.19
N PHE B 128 7.83 4.58 -17.08
CA PHE B 128 8.52 4.48 -15.80
C PHE B 128 8.89 3.02 -15.52
N PRO B 129 10.05 2.75 -14.92
CA PRO B 129 10.56 1.37 -14.85
C PRO B 129 9.62 0.38 -14.15
N THR B 130 8.75 0.84 -13.24
CA THR B 130 7.82 -0.08 -12.58
C THR B 130 6.89 -0.74 -13.60
N TRP B 131 6.52 0.01 -14.65
CA TRP B 131 5.68 -0.55 -15.71
C TRP B 131 6.36 -1.73 -16.39
N LEU B 132 7.66 -1.58 -16.68
CA LEU B 132 8.33 -2.55 -17.53
C LEU B 132 8.36 -3.94 -16.88
N GLY B 133 8.65 -4.01 -15.58
CA GLY B 133 8.65 -5.30 -14.93
C GLY B 133 7.25 -5.90 -14.82
N THR B 134 6.27 -5.05 -14.52
CA THR B 134 4.89 -5.51 -14.40
C THR B 134 4.37 -6.02 -15.74
N LEU B 135 4.69 -5.32 -16.82
CA LEU B 135 4.28 -5.75 -18.16
C LEU B 135 4.83 -7.13 -18.50
N VAL B 136 6.13 -7.33 -18.27
CA VAL B 136 6.74 -8.63 -18.55
C VAL B 136 6.12 -9.71 -17.68
N GLU B 137 5.96 -9.43 -16.39
CA GLU B 137 5.39 -10.43 -15.46
C GLU B 137 3.99 -10.84 -15.87
N GLN B 138 3.21 -9.92 -16.42
CA GLN B 138 1.86 -10.18 -16.84
C GLN B 138 1.75 -10.66 -18.29
N GLY B 139 2.87 -10.94 -18.93
CA GLY B 139 2.84 -11.56 -20.23
C GLY B 139 2.84 -10.62 -21.41
N PHE B 140 3.14 -9.34 -21.21
CA PHE B 140 3.23 -8.39 -22.31
C PHE B 140 4.68 -8.23 -22.73
N ASP B 141 4.88 -7.61 -23.88
CA ASP B 141 6.23 -7.41 -24.41
C ASP B 141 6.48 -5.91 -24.55
N PRO B 142 7.24 -5.29 -23.62
CA PRO B 142 7.47 -3.85 -23.72
C PRO B 142 8.79 -3.48 -24.36
N SER B 143 9.34 -4.35 -25.23
CA SER B 143 10.70 -4.11 -25.71
C SER B 143 10.78 -2.95 -26.70
N VAL B 144 9.67 -2.49 -27.27
CA VAL B 144 9.69 -1.42 -28.27
C VAL B 144 9.38 -0.09 -27.57
N ALA B 145 10.40 0.73 -27.36
CA ALA B 145 10.18 2.08 -26.84
C ALA B 145 10.02 3.06 -28.00
N LEU B 146 9.05 3.96 -27.88
CA LEU B 146 8.72 4.93 -28.92
C LEU B 146 9.61 6.15 -28.80
N PRO B 147 10.26 6.61 -29.86
CA PRO B 147 11.13 7.78 -29.74
C PRO B 147 10.33 9.07 -29.67
N VAL B 148 11.00 10.13 -29.18
CA VAL B 148 10.37 11.42 -28.98
C VAL B 148 11.17 12.49 -29.73
N ALA B 149 10.63 13.71 -29.73
CA ALA B 149 11.31 14.83 -30.40
C ALA B 149 12.71 15.08 -29.85
N GLY B 150 12.86 15.07 -28.51
CA GLY B 150 14.18 15.11 -27.89
C GLY B 150 14.80 16.49 -27.81
N ALA B 151 14.12 17.52 -28.26
CA ALA B 151 14.58 18.89 -28.16
C ALA B 151 13.38 19.81 -28.36
N GLY B 152 13.59 21.10 -28.13
CA GLY B 152 12.58 22.08 -28.39
C GLY B 152 11.64 22.27 -27.21
N PRO B 153 10.56 23.01 -27.41
CA PRO B 153 9.66 23.35 -26.29
C PRO B 153 8.84 22.16 -25.79
N TYR B 154 8.55 21.20 -26.66
CA TYR B 154 7.85 19.98 -26.27
C TYR B 154 8.75 18.79 -26.59
N ALA B 155 9.86 18.68 -25.83
CA ALA B 155 10.87 17.69 -26.14
C ALA B 155 10.39 16.26 -25.95
N ALA B 156 9.29 16.04 -25.20
CA ALA B 156 8.74 14.72 -25.00
C ALA B 156 7.67 14.35 -26.01
N ASP B 157 7.37 15.22 -27.00
CA ASP B 157 6.44 14.86 -28.09
C ASP B 157 6.85 13.53 -28.71
N LEU B 158 5.87 12.63 -28.92
CA LEU B 158 6.19 11.39 -29.63
C LEU B 158 6.51 11.67 -31.09
N ASP B 159 7.49 10.95 -31.63
CA ASP B 159 7.76 10.97 -33.07
C ASP B 159 6.62 10.23 -33.76
N LEU B 160 5.77 10.97 -34.48
CA LEU B 160 4.54 10.34 -34.99
C LEU B 160 4.83 9.35 -36.11
N ASP B 161 5.86 9.60 -36.92
CA ASP B 161 6.24 8.62 -37.94
C ASP B 161 6.68 7.31 -37.31
N ALA B 162 7.49 7.37 -36.25
CA ALA B 162 7.95 6.14 -35.63
C ALA B 162 6.81 5.42 -34.92
N LEU B 163 5.84 6.17 -34.39
CA LEU B 163 4.66 5.55 -33.82
C LEU B 163 3.87 4.80 -34.88
N ASP B 164 3.65 5.46 -36.04
CA ASP B 164 3.02 4.80 -37.18
C ASP B 164 3.74 3.49 -37.53
N VAL B 165 5.07 3.55 -37.59
CA VAL B 165 5.83 2.37 -37.99
C VAL B 165 5.60 1.23 -37.01
N ALA B 166 5.64 1.54 -35.71
CA ALA B 166 5.49 0.46 -34.73
C ALA B 166 4.07 -0.10 -34.71
N LEU B 167 3.08 0.78 -34.76
CA LEU B 167 1.68 0.33 -34.75
C LEU B 167 1.39 -0.56 -35.94
N ASP B 168 2.02 -0.28 -37.07
CA ASP B 168 1.68 -1.00 -38.29
C ASP B 168 2.58 -2.22 -38.49
N ARG B 169 3.89 -2.13 -38.14
CA ARG B 169 4.84 -3.30 -38.02
C ARG B 169 4.21 -4.45 -37.34
N TYR B 170 3.54 -4.11 -36.28
CA TYR B 170 3.03 -5.04 -35.32
C TYR B 170 1.52 -5.01 -35.32
N ALA B 171 0.95 -4.77 -36.52
CA ALA B 171 -0.49 -4.77 -36.68
C ALA B 171 -1.08 -6.03 -36.06
N ASP B 172 -2.12 -5.84 -35.26
CA ASP B 172 -2.82 -6.90 -34.52
C ASP B 172 -1.97 -7.56 -33.44
N GLY B 173 -0.80 -7.02 -33.12
CA GLY B 173 0.04 -7.62 -32.10
C GLY B 173 0.33 -6.65 -30.98
N VAL B 174 -0.43 -5.57 -30.89
CA VAL B 174 -0.20 -4.54 -29.90
C VAL B 174 -1.40 -4.51 -28.98
N SER B 175 -1.16 -4.78 -27.69
CA SER B 175 -2.26 -4.76 -26.72
C SER B 175 -2.73 -3.35 -26.44
N PHE B 176 -1.79 -2.44 -26.19
CA PHE B 176 -2.11 -1.03 -26.04
C PHE B 176 -0.86 -0.20 -26.23
N VAL B 177 -1.08 1.09 -26.47
CA VAL B 177 -0.01 2.08 -26.46
C VAL B 177 -0.06 2.74 -25.10
N LEU B 178 1.09 2.86 -24.44
CA LEU B 178 1.20 3.47 -23.11
C LEU B 178 1.98 4.77 -23.26
N VAL B 179 1.37 5.89 -22.86
CA VAL B 179 2.04 7.18 -22.95
C VAL B 179 2.08 7.79 -21.56
N GLU B 180 3.29 8.12 -21.11
CA GLU B 180 3.49 8.82 -19.86
C GLU B 180 3.68 10.30 -20.17
N THR B 181 2.80 11.15 -19.64
CA THR B 181 2.97 12.58 -19.83
C THR B 181 4.12 13.09 -18.96
N ALA B 182 4.62 14.30 -19.28
CA ALA B 182 5.72 14.91 -18.51
C ALA B 182 6.80 13.87 -18.21
N THR B 183 7.26 13.22 -19.27
CA THR B 183 7.87 11.90 -19.14
C THR B 183 9.13 11.93 -18.29
N ASN B 184 9.18 11.11 -17.23
CA ASN B 184 10.35 11.12 -16.36
C ASN B 184 11.62 10.72 -17.10
N ALA B 185 11.53 9.72 -17.98
CA ALA B 185 12.70 9.28 -18.73
C ALA B 185 13.25 10.40 -19.61
N HIS B 186 12.40 11.35 -20.02
CA HIS B 186 12.83 12.49 -20.80
C HIS B 186 12.95 13.74 -19.93
N GLY B 187 13.26 13.54 -18.65
CA GLY B 187 13.56 14.65 -17.76
C GLY B 187 12.37 15.53 -17.45
N GLY B 188 11.15 15.02 -17.55
CA GLY B 188 9.99 15.81 -17.22
C GLY B 188 9.62 16.81 -18.29
N ALA B 189 10.18 16.69 -19.50
CA ALA B 189 9.76 17.55 -20.59
C ALA B 189 8.30 17.30 -20.94
N PRO B 190 7.57 18.32 -21.38
CA PRO B 190 6.16 18.10 -21.75
C PRO B 190 5.98 17.59 -23.17
N LEU B 191 4.87 16.90 -23.39
CA LEU B 191 4.33 16.70 -24.72
C LEU B 191 3.11 17.58 -24.92
N SER B 192 2.90 18.04 -26.15
CA SER B 192 1.85 19.03 -26.37
C SER B 192 0.49 18.34 -26.45
N LEU B 193 -0.57 19.13 -26.26
CA LEU B 193 -1.89 18.54 -26.45
C LEU B 193 -2.10 18.16 -27.91
N ASP B 194 -1.61 18.98 -28.84
CA ASP B 194 -1.65 18.63 -30.25
C ASP B 194 -1.01 17.26 -30.52
N ASN B 195 0.16 17.02 -29.92
CA ASN B 195 0.83 15.74 -30.12
C ASN B 195 0.02 14.59 -29.53
N LEU B 196 -0.52 14.76 -28.32
CA LEU B 196 -1.31 13.69 -27.75
C LEU B 196 -2.56 13.43 -28.57
N ARG B 197 -3.20 14.49 -29.10
CA ARG B 197 -4.35 14.23 -29.96
C ARG B 197 -3.94 13.46 -31.20
N ALA B 198 -2.74 13.76 -31.72
CA ALA B 198 -2.25 13.06 -32.91
C ALA B 198 -1.96 11.60 -32.61
N VAL B 199 -1.42 11.32 -31.42
CA VAL B 199 -1.22 9.94 -31.00
C VAL B 199 -2.56 9.22 -30.94
N ALA B 200 -3.56 9.86 -30.32
CA ALA B 200 -4.86 9.22 -30.14
C ALA B 200 -5.61 9.06 -31.46
N ARG B 201 -5.43 9.97 -32.43
CA ARG B 201 -6.02 9.72 -33.74
C ARG B 201 -5.47 8.44 -34.34
N ARG B 202 -4.16 8.20 -34.16
CA ARG B 202 -3.54 7.00 -34.75
C ARG B 202 -3.99 5.72 -34.04
N THR B 203 -4.05 5.74 -32.69
CA THR B 203 -4.54 4.54 -32.00
C THR B 203 -6.01 4.29 -32.28
N ARG B 204 -6.85 5.34 -32.26
CA ARG B 204 -8.27 5.17 -32.56
C ARG B 204 -8.48 4.63 -33.98
N ALA B 205 -7.72 5.15 -34.95
CA ALA B 205 -7.91 4.72 -36.33
C ALA B 205 -7.73 3.21 -36.47
N ARG B 206 -6.90 2.63 -35.62
CA ARG B 206 -6.54 1.22 -35.70
C ARG B 206 -7.27 0.36 -34.69
N GLY B 207 -8.08 0.97 -33.83
CA GLY B 207 -8.74 0.21 -32.79
C GLY B 207 -7.83 -0.28 -31.70
N VAL B 208 -6.72 0.40 -31.46
CA VAL B 208 -5.76 0.03 -30.41
C VAL B 208 -6.00 0.92 -29.22
N PRO B 209 -6.18 0.38 -28.01
CA PRO B 209 -6.40 1.24 -26.85
C PRO B 209 -5.19 2.08 -26.52
N LEU B 210 -5.46 3.29 -26.02
CA LEU B 210 -4.46 4.20 -25.50
C LEU B 210 -4.56 4.22 -23.98
N VAL B 211 -3.44 3.98 -23.30
CA VAL B 211 -3.39 4.07 -21.83
C VAL B 211 -2.42 5.17 -21.46
N LEU B 212 -2.83 6.06 -20.54
CA LEU B 212 -1.91 7.08 -20.05
C LEU B 212 -1.42 6.72 -18.66
N ASP B 213 -0.12 6.93 -18.44
CA ASP B 213 0.43 7.06 -17.09
C ASP B 213 0.33 8.54 -16.80
N ALA B 214 -0.69 8.92 -16.03
CA ALA B 214 -1.05 10.30 -15.80
C ALA B 214 -0.52 10.85 -14.48
N THR B 215 0.51 10.21 -13.91
CA THR B 215 1.11 10.63 -12.64
C THR B 215 1.44 12.13 -12.61
N ARG B 216 1.98 12.66 -13.70
CA ARG B 216 2.33 14.07 -13.79
C ARG B 216 1.59 14.75 -14.93
N LEU B 217 0.39 14.25 -15.23
CA LEU B 217 -0.37 14.86 -16.32
C LEU B 217 -0.78 16.30 -15.98
N LEU B 218 -1.10 16.59 -14.72
CA LEU B 218 -1.44 17.98 -14.42
C LEU B 218 -0.27 18.91 -14.66
N ASP B 219 0.96 18.51 -14.30
CA ASP B 219 2.12 19.35 -14.60
C ASP B 219 2.25 19.55 -16.11
N ASN B 220 2.03 18.48 -16.88
CA ASN B 220 2.11 18.61 -18.34
C ASN B 220 1.04 19.58 -18.83
N ALA B 221 -0.17 19.45 -18.31
CA ALA B 221 -1.27 20.34 -18.70
C ALA B 221 -0.94 21.79 -18.35
N LEU B 222 -0.37 22.03 -17.18
CA LEU B 222 0.09 23.36 -16.83
C LEU B 222 1.15 23.87 -17.81
N LEU B 223 2.15 23.03 -18.16
CA LEU B 223 3.16 23.50 -19.11
C LEU B 223 2.55 23.87 -20.45
N VAL B 224 1.53 23.14 -20.90
CA VAL B 224 0.85 23.51 -22.13
C VAL B 224 0.13 24.85 -22.00
N THR B 225 -0.61 25.05 -20.91
CA THR B 225 -1.27 26.35 -20.71
C THR B 225 -0.25 27.48 -20.76
N ALA B 226 0.92 27.27 -20.15
CA ALA B 226 1.92 28.32 -20.07
C ALA B 226 2.58 28.59 -21.41
N ALA B 227 2.79 27.54 -22.21
CA ALA B 227 3.34 27.75 -23.55
C ALA B 227 2.34 28.44 -24.46
N SER B 228 1.05 28.38 -24.12
CA SER B 228 0.00 29.03 -24.90
C SER B 228 -0.37 30.39 -24.35
N GLY B 229 0.40 30.92 -23.41
CA GLY B 229 0.11 32.22 -22.85
C GLY B 229 -1.16 32.28 -22.05
N ARG B 230 -1.59 31.16 -21.48
CA ARG B 230 -2.86 31.08 -20.77
C ARG B 230 -2.64 31.05 -19.26
N PRO B 231 -3.66 31.40 -18.48
CA PRO B 231 -3.53 31.34 -17.02
C PRO B 231 -3.34 29.91 -16.55
N ALA B 232 -2.66 29.76 -15.42
CA ALA B 232 -2.46 28.44 -14.84
C ALA B 232 -3.80 27.74 -14.53
N GLN B 233 -4.85 28.50 -14.24
CA GLN B 233 -6.11 27.90 -13.84
C GLN B 233 -6.78 27.17 -15.00
N ASP B 234 -6.36 27.46 -16.23
CA ASP B 234 -6.77 26.72 -17.41
C ASP B 234 -6.24 25.30 -17.43
N LEU B 235 -5.36 24.90 -16.49
CA LEU B 235 -4.75 23.58 -16.61
C LEU B 235 -5.80 22.51 -16.59
N TRP B 236 -6.92 22.75 -15.91
CA TRP B 236 -7.92 21.69 -15.80
C TRP B 236 -8.61 21.42 -17.12
N GLN B 237 -8.82 22.46 -17.95
CA GLN B 237 -9.44 22.22 -19.24
C GLN B 237 -8.56 21.33 -20.09
N ILE B 238 -7.26 21.67 -20.17
CA ILE B 238 -6.30 20.90 -20.96
C ILE B 238 -6.17 19.50 -20.39
N ALA B 239 -6.11 19.40 -19.07
CA ALA B 239 -5.96 18.08 -18.44
C ALA B 239 -7.13 17.17 -18.81
N GLU B 240 -8.36 17.68 -18.70
CA GLU B 240 -9.51 16.86 -19.02
C GLU B 240 -9.52 16.45 -20.50
N ASP B 241 -9.10 17.38 -21.38
CA ASP B 241 -8.94 17.03 -22.80
C ASP B 241 -7.98 15.87 -22.99
N MET B 242 -6.83 15.93 -22.31
CA MET B 242 -5.83 14.87 -22.47
C MET B 242 -6.35 13.55 -21.93
N LEU B 243 -6.97 13.60 -20.74
CA LEU B 243 -7.45 12.36 -20.13
C LEU B 243 -8.51 11.70 -21.01
N GLY B 244 -9.35 12.52 -21.64
CA GLY B 244 -10.45 12.01 -22.44
C GLY B 244 -10.00 11.26 -23.68
N LEU B 245 -8.75 11.44 -24.06
CA LEU B 245 -8.21 10.71 -25.22
C LEU B 245 -7.94 9.24 -24.89
N ALA B 246 -7.86 8.88 -23.61
CA ALA B 246 -7.36 7.55 -23.24
C ALA B 246 -8.50 6.61 -22.87
N GLN B 247 -8.30 5.32 -23.15
CA GLN B 247 -9.28 4.32 -22.74
C GLN B 247 -9.07 3.85 -21.30
N ALA B 248 -7.87 4.03 -20.75
CA ALA B 248 -7.61 3.78 -19.35
C ALA B 248 -6.45 4.66 -18.92
N VAL B 249 -6.40 4.99 -17.63
N VAL B 249 -6.38 4.93 -17.62
CA VAL B 249 -5.32 5.79 -17.08
CA VAL B 249 -5.37 5.82 -17.06
C VAL B 249 -4.91 5.19 -15.75
C VAL B 249 -4.93 5.26 -15.71
N THR B 250 -3.64 5.40 -15.40
CA THR B 250 -3.16 5.07 -14.07
C THR B 250 -2.46 6.29 -13.51
N PHE B 251 -2.46 6.40 -12.18
CA PHE B 251 -1.78 7.49 -11.46
C PHE B 251 -1.05 6.91 -10.26
N SER B 252 0.19 7.32 -10.06
CA SER B 252 0.70 7.46 -8.71
C SER B 252 0.18 8.77 -8.17
N LEU B 253 -0.50 8.75 -7.02
CA LEU B 253 -1.05 10.02 -6.58
C LEU B 253 -0.05 10.86 -5.81
N SER B 254 1.10 10.29 -5.44
CA SER B 254 1.99 11.01 -4.53
C SER B 254 2.95 11.98 -5.20
N1 LLP B 255 4.75 6.30 -12.96
C2 LLP B 255 5.43 7.43 -12.83
C2' LLP B 255 5.53 8.39 -14.04
C3 LLP B 255 6.06 7.77 -11.62
O3 LLP B 255 6.78 8.95 -11.49
C4 LLP B 255 5.97 6.92 -10.54
C4' LLP B 255 6.71 7.40 -9.20
C5 LLP B 255 5.29 5.74 -10.65
C6 LLP B 255 4.66 5.42 -11.88
C5' LLP B 255 5.17 4.73 -9.47
OP4 LLP B 255 4.29 5.22 -8.49
P LLP B 255 4.38 4.75 -7.01
OP1 LLP B 255 3.20 5.41 -6.25
OP2 LLP B 255 4.32 3.26 -7.00
OP3 LLP B 255 5.72 5.17 -6.44
N LLP B 255 2.77 12.22 -6.49
CA LLP B 255 3.64 13.21 -7.21
CB LLP B 255 4.08 12.66 -8.59
CG LLP B 255 5.33 11.80 -8.53
CD LLP B 255 5.04 10.42 -7.93
CE LLP B 255 6.23 9.42 -7.90
NZ LLP B 255 6.59 8.84 -9.20
C LLP B 255 2.93 14.50 -7.43
O LLP B 255 3.60 15.54 -7.31
N ASP B 256 1.63 14.47 -7.77
CA ASP B 256 0.86 15.69 -8.07
C ASP B 256 -0.20 16.07 -7.06
N PHE B 257 -0.57 15.15 -6.17
CA PHE B 257 -1.78 15.40 -5.38
C PHE B 257 -1.51 15.64 -3.91
N GLY B 258 -0.25 15.75 -3.50
CA GLY B 258 0.01 16.11 -2.12
C GLY B 258 -0.53 15.08 -1.15
N VAL B 259 -0.26 13.80 -1.43
CA VAL B 259 -0.65 12.72 -0.53
C VAL B 259 0.55 11.83 -0.33
N ASP B 260 0.52 11.07 0.76
CA ASP B 260 1.71 10.33 1.18
C ASP B 260 1.89 9.00 0.47
N GLY B 261 0.96 8.61 -0.38
CA GLY B 261 1.05 7.36 -1.11
C GLY B 261 -0.31 7.15 -1.74
N GLY B 262 -0.42 6.07 -2.52
CA GLY B 262 -1.70 5.80 -3.14
C GLY B 262 -1.65 5.86 -4.66
N GLY B 263 -2.58 5.13 -5.31
CA GLY B 263 -2.66 5.09 -6.75
C GLY B 263 -4.12 5.07 -7.19
N LEU B 264 -4.32 5.26 -8.48
CA LEU B 264 -5.66 5.31 -9.06
C LEU B 264 -5.63 4.68 -10.44
N VAL B 265 -6.63 3.83 -10.72
N VAL B 265 -6.64 3.88 -10.76
CA VAL B 265 -6.88 3.33 -12.07
CA VAL B 265 -6.80 3.39 -12.13
C VAL B 265 -8.26 3.81 -12.50
C VAL B 265 -8.23 3.66 -12.54
N ALA B 266 -8.40 4.18 -13.77
CA ALA B 266 -9.72 4.55 -14.28
C ALA B 266 -9.85 4.08 -15.72
N THR B 267 -11.07 3.76 -16.14
CA THR B 267 -11.22 3.30 -17.51
C THR B 267 -12.65 3.55 -18.00
N THR B 268 -12.78 3.66 -19.32
CA THR B 268 -14.05 3.66 -20.01
C THR B 268 -14.49 2.26 -20.43
N ASP B 269 -13.59 1.28 -20.37
CA ASP B 269 -13.79 -0.06 -20.92
C ASP B 269 -14.56 -0.90 -19.90
N GLU B 270 -15.79 -1.29 -20.25
CA GLU B 270 -16.64 -2.02 -19.31
C GLU B 270 -16.04 -3.37 -18.95
N ARG B 271 -15.45 -4.06 -19.91
CA ARG B 271 -14.87 -5.37 -19.63
C ARG B 271 -13.68 -5.25 -18.70
N LEU B 272 -12.77 -4.32 -18.98
CA LEU B 272 -11.66 -4.08 -18.07
C LEU B 272 -12.18 -3.70 -16.68
N ALA B 273 -13.19 -2.83 -16.61
CA ALA B 273 -13.74 -2.44 -15.32
C ALA B 273 -14.30 -3.65 -14.58
N GLU B 274 -15.00 -4.54 -15.30
CA GLU B 274 -15.53 -5.75 -14.66
C GLU B 274 -14.41 -6.55 -14.00
N ARG B 275 -13.30 -6.72 -14.70
CA ARG B 275 -12.18 -7.52 -14.19
C ARG B 275 -11.46 -6.81 -13.06
N LEU B 276 -11.34 -5.49 -13.15
CA LEU B 276 -10.78 -4.73 -12.02
C LEU B 276 -11.64 -4.89 -10.78
N THR B 277 -12.96 -4.84 -10.95
CA THR B 277 -13.88 -4.98 -9.82
C THR B 277 -13.76 -6.37 -9.20
N GLU B 278 -13.73 -7.41 -10.02
CA GLU B 278 -13.73 -8.75 -9.44
C GLU B 278 -12.44 -9.01 -8.68
N ARG B 279 -11.31 -8.46 -9.15
CA ARG B 279 -10.05 -8.57 -8.41
C ARG B 279 -10.13 -7.84 -7.08
N MET B 280 -10.72 -6.65 -7.06
CA MET B 280 -10.90 -5.94 -5.81
C MET B 280 -11.72 -6.74 -4.82
N LEU B 281 -12.68 -7.54 -5.32
CA LEU B 281 -13.49 -8.39 -4.46
C LEU B 281 -12.65 -9.52 -3.86
N GLU B 282 -11.79 -10.14 -4.67
CA GLU B 282 -10.96 -11.23 -4.17
C GLU B 282 -10.02 -10.74 -3.07
N ARG B 283 -9.44 -9.55 -3.26
CA ARG B 283 -8.33 -9.12 -2.44
C ARG B 283 -8.64 -7.94 -1.52
N GLY B 284 -9.75 -7.25 -1.73
CA GLY B 284 -10.10 -6.14 -0.89
C GLY B 284 -9.57 -4.81 -1.41
N ARG B 285 -10.04 -3.75 -0.78
CA ARG B 285 -9.64 -2.42 -1.21
C ARG B 285 -8.35 -2.02 -0.52
N GLU B 286 -7.62 -1.14 -1.16
CA GLU B 286 -6.34 -0.65 -0.68
C GLU B 286 -6.20 0.79 -1.16
N PRO B 287 -5.52 1.66 -0.41
CA PRO B 287 -4.94 1.48 0.93
C PRO B 287 -6.06 1.50 2.00
N GLY B 288 -5.73 1.76 3.26
CA GLY B 288 -6.72 1.68 4.33
C GLY B 288 -7.80 2.77 4.18
N LEU B 289 -8.87 2.61 4.95
CA LEU B 289 -10.03 3.50 4.83
C LEU B 289 -9.65 4.96 5.12
N SER B 290 -8.93 5.20 6.22
CA SER B 290 -8.54 6.59 6.53
C SER B 290 -7.71 7.18 5.42
N ALA B 291 -6.78 6.41 4.85
CA ALA B 291 -5.99 6.89 3.74
C ALA B 291 -6.86 7.19 2.53
N ARG B 292 -7.86 6.35 2.27
CA ARG B 292 -8.73 6.55 1.12
C ARG B 292 -9.60 7.78 1.29
N ARG B 293 -10.01 8.09 2.52
CA ARG B 293 -10.75 9.33 2.73
C ARG B 293 -9.88 10.54 2.40
N VAL B 294 -8.61 10.46 2.76
CA VAL B 294 -7.68 11.55 2.45
C VAL B 294 -7.42 11.64 0.95
N LEU B 295 -7.23 10.48 0.28
CA LEU B 295 -7.08 10.51 -1.18
C LEU B 295 -8.33 11.09 -1.84
N SER B 296 -9.50 10.72 -1.34
CA SER B 296 -10.74 11.26 -1.91
C SER B 296 -10.78 12.78 -1.77
N ALA B 297 -10.41 13.29 -0.61
CA ALA B 297 -10.39 14.74 -0.40
C ALA B 297 -9.38 15.41 -1.32
N ALA B 298 -8.20 14.82 -1.46
CA ALA B 298 -7.19 15.38 -2.36
C ALA B 298 -7.72 15.45 -3.79
N LEU B 299 -8.33 14.37 -4.27
CA LEU B 299 -8.76 14.37 -5.66
C LEU B 299 -9.86 15.40 -5.89
N LEU B 300 -10.72 15.61 -4.90
CA LEU B 300 -11.84 16.53 -5.06
C LEU B 300 -11.42 18.00 -4.94
N HIS B 301 -10.45 18.29 -4.07
CA HIS B 301 -10.12 19.67 -3.70
C HIS B 301 -9.15 20.22 -4.73
N GLN B 302 -9.71 20.55 -5.89
CA GLN B 302 -8.90 20.98 -7.03
C GLN B 302 -8.10 22.24 -6.72
N GLU B 303 -8.63 23.14 -5.89
CA GLU B 303 -7.91 24.39 -5.62
C GLU B 303 -6.52 24.13 -5.02
N SER B 304 -6.41 23.14 -4.14
CA SER B 304 -5.10 22.95 -3.53
C SER B 304 -4.18 22.09 -4.39
N THR B 305 -4.72 21.14 -5.15
CA THR B 305 -3.86 20.47 -6.11
C THR B 305 -3.32 21.45 -7.14
N GLU B 306 -4.20 22.31 -7.63
CA GLU B 306 -3.80 23.35 -8.59
C GLU B 306 -2.71 24.24 -7.99
N ARG B 307 -2.87 24.63 -6.72
CA ARG B 307 -1.90 25.50 -6.03
C ARG B 307 -0.56 24.82 -5.92
N LEU B 308 -0.59 23.57 -5.55
CA LEU B 308 0.65 22.92 -5.26
C LEU B 308 1.41 22.66 -6.55
N VAL B 309 0.71 22.16 -7.56
CA VAL B 309 1.35 21.85 -8.85
C VAL B 309 1.88 23.12 -9.52
N THR B 310 1.09 24.19 -9.52
CA THR B 310 1.54 25.42 -10.18
C THR B 310 2.81 25.93 -9.52
N ARG B 311 2.84 25.93 -8.19
CA ARG B 311 4.03 26.37 -7.48
C ARG B 311 5.22 25.46 -7.78
N ARG B 312 5.01 24.15 -7.80
CA ARG B 312 6.15 23.25 -8.05
C ARG B 312 6.76 23.50 -9.42
N VAL B 313 5.92 23.63 -10.46
CA VAL B 313 6.44 23.85 -11.80
C VAL B 313 7.14 25.19 -11.88
N ALA B 314 6.60 26.20 -11.20
CA ALA B 314 7.24 27.50 -11.22
C ALA B 314 8.58 27.46 -10.51
N ASP B 315 8.64 26.71 -9.40
CA ASP B 315 9.87 26.62 -8.64
C ASP B 315 10.91 25.77 -9.34
N VAL B 316 10.49 24.75 -10.12
CA VAL B 316 11.43 24.07 -11.01
C VAL B 316 12.06 25.06 -11.99
N ALA B 317 11.24 25.91 -12.59
CA ALA B 317 11.77 26.93 -13.50
C ALA B 317 12.68 27.93 -12.78
N ALA B 318 12.34 28.31 -11.55
CA ALA B 318 13.19 29.25 -10.81
C ALA B 318 14.53 28.61 -10.44
N PHE B 319 14.47 27.34 -10.01
CA PHE B 319 15.66 26.56 -9.72
C PHE B 319 16.53 26.45 -10.97
N ARG B 320 15.90 26.09 -12.09
CA ARG B 320 16.62 26.04 -13.36
C ARG B 320 17.31 27.35 -13.67
N GLN B 321 16.60 28.48 -13.50
N GLN B 321 16.59 28.47 -13.49
CA GLN B 321 17.21 29.76 -13.86
CA GLN B 321 17.15 29.78 -13.83
C GLN B 321 18.38 30.08 -12.94
C GLN B 321 18.35 30.11 -12.94
N ARG B 322 18.23 29.80 -11.64
CA ARG B 322 19.34 30.09 -10.71
C ARG B 322 20.56 29.24 -11.04
N LEU B 323 20.35 27.95 -11.36
CA LEU B 323 21.42 27.08 -11.82
C LEU B 323 22.06 27.62 -13.10
N GLU B 324 21.25 27.88 -14.12
CA GLU B 324 21.78 28.26 -15.44
C GLU B 324 22.52 29.59 -15.34
N LEU B 325 22.03 30.50 -14.51
N LEU B 325 22.01 30.52 -14.52
CA LEU B 325 22.72 31.78 -14.36
CA LEU B 325 22.70 31.80 -14.31
C LEU B 325 23.96 31.67 -13.48
C LEU B 325 24.01 31.59 -13.57
N GLY B 326 24.09 30.59 -12.71
CA GLY B 326 25.30 30.28 -11.99
C GLY B 326 26.29 29.43 -12.76
N GLY B 327 26.00 29.07 -14.02
CA GLY B 327 26.91 28.30 -14.81
C GLY B 327 26.84 26.79 -14.66
N VAL B 328 25.80 26.27 -14.01
CA VAL B 328 25.59 24.82 -13.88
C VAL B 328 24.94 24.29 -15.16
N PRO B 329 25.58 23.40 -15.92
CA PRO B 329 25.01 22.97 -17.20
C PRO B 329 23.87 21.98 -17.00
N LEU B 330 22.75 22.27 -17.64
CA LEU B 330 21.52 21.48 -17.53
C LEU B 330 21.04 21.08 -18.90
N VAL B 331 20.36 19.94 -18.98
CA VAL B 331 19.55 19.66 -20.17
C VAL B 331 18.48 20.75 -20.29
N PRO B 332 18.26 21.34 -21.46
CA PRO B 332 17.33 22.47 -21.52
C PRO B 332 15.91 22.08 -21.20
N GLY B 333 15.14 23.04 -20.69
CA GLY B 333 13.74 22.82 -20.40
C GLY B 333 12.82 23.35 -21.48
N PRO B 334 11.55 23.63 -21.13
CA PRO B 334 11.03 23.58 -19.76
C PRO B 334 10.73 22.16 -19.31
N THR B 335 10.62 22.00 -18.00
CA THR B 335 10.37 20.68 -17.45
C THR B 335 9.39 20.79 -16.28
N ALA B 336 8.79 19.65 -15.94
CA ALA B 336 7.72 19.63 -14.96
C ALA B 336 8.24 19.58 -13.52
N HIS B 337 9.00 18.52 -13.18
CA HIS B 337 9.25 18.17 -11.79
C HIS B 337 10.72 18.10 -11.46
N CYS B 338 11.61 18.34 -12.43
CA CYS B 338 13.02 18.11 -12.16
C CYS B 338 13.83 18.87 -13.19
N VAL B 339 15.13 19.01 -12.90
CA VAL B 339 16.12 19.35 -13.91
C VAL B 339 17.12 18.20 -14.02
N LEU B 340 17.78 18.10 -15.18
CA LEU B 340 18.84 17.13 -15.37
C LEU B 340 20.17 17.86 -15.48
N LEU B 341 21.08 17.57 -14.56
CA LEU B 341 22.40 18.17 -14.57
C LEU B 341 23.31 17.30 -15.43
N ASP B 342 24.04 17.91 -16.35
CA ASP B 342 24.85 17.17 -17.31
C ASP B 342 26.29 17.10 -16.77
N VAL B 343 26.65 15.93 -16.22
CA VAL B 343 27.94 15.76 -15.59
C VAL B 343 29.08 15.87 -16.59
N ASP B 344 28.87 15.41 -17.83
CA ASP B 344 29.93 15.52 -18.82
C ASP B 344 30.30 16.98 -19.07
N LYS B 345 29.34 17.88 -18.97
CA LYS B 345 29.60 19.31 -19.17
C LYS B 345 30.04 20.00 -17.89
N ALA B 346 29.59 19.51 -16.73
CA ALA B 346 29.87 20.14 -15.44
C ALA B 346 31.29 19.88 -14.98
N ALA B 347 31.87 18.74 -15.40
CA ALA B 347 33.21 18.33 -15.03
C ALA B 347 33.95 18.02 -16.33
N PRO B 348 34.29 19.04 -17.13
CA PRO B 348 34.64 18.79 -18.53
C PRO B 348 35.96 18.08 -18.73
N GLY B 349 36.97 18.41 -17.92
CA GLY B 349 38.29 17.85 -18.14
C GLY B 349 38.64 16.76 -17.16
N THR B 350 37.62 16.23 -16.48
CA THR B 350 37.82 15.24 -15.44
C THR B 350 37.43 13.86 -15.96
N PRO B 351 38.40 13.01 -16.35
CA PRO B 351 38.06 11.63 -16.70
C PRO B 351 37.69 10.83 -15.46
N LEU B 352 36.41 10.49 -15.32
CA LEU B 352 35.90 9.72 -14.19
C LEU B 352 35.44 8.36 -14.70
N ARG B 353 35.79 7.29 -13.97
CA ARG B 353 35.35 5.96 -14.39
C ARG B 353 33.83 5.81 -14.28
N HIS B 354 33.23 6.36 -13.23
CA HIS B 354 31.77 6.36 -13.03
C HIS B 354 31.33 7.79 -12.78
N PRO B 355 31.12 8.57 -13.86
CA PRO B 355 30.88 10.00 -13.69
C PRO B 355 29.68 10.34 -12.81
N VAL B 356 28.53 9.69 -13.03
CA VAL B 356 27.35 10.04 -12.26
C VAL B 356 27.55 9.69 -10.79
N ALA B 357 28.01 8.48 -10.53
CA ALA B 357 28.19 8.05 -9.15
C ALA B 357 29.20 8.95 -8.41
N SER B 358 30.34 9.23 -9.05
CA SER B 358 31.32 10.10 -8.41
C SER B 358 30.76 11.49 -8.16
N TYR B 359 30.06 12.06 -9.16
CA TYR B 359 29.55 13.41 -8.97
C TYR B 359 28.42 13.44 -7.95
N LEU B 360 27.60 12.39 -7.87
CA LEU B 360 26.54 12.39 -6.86
C LEU B 360 27.14 12.42 -5.46
N SER B 361 28.18 11.60 -5.24
CA SER B 361 28.83 11.56 -3.94
C SER B 361 29.54 12.88 -3.64
N TRP B 362 30.16 13.46 -4.66
CA TRP B 362 30.86 14.74 -4.54
C TRP B 362 29.88 15.87 -4.21
N ILE B 363 28.73 15.90 -4.90
CA ILE B 363 27.74 16.93 -4.61
C ILE B 363 27.22 16.79 -3.18
N TYR B 364 26.89 15.57 -2.78
CA TYR B 364 26.32 15.38 -1.44
C TYR B 364 27.35 15.78 -0.37
N ALA B 365 28.58 15.28 -0.49
CA ALA B 365 29.61 15.62 0.49
C ALA B 365 29.76 17.13 0.64
N ALA B 366 29.84 17.84 -0.49
CA ALA B 366 30.14 19.27 -0.46
C ALA B 366 28.95 20.13 -0.04
N THR B 367 27.74 19.76 -0.48
CA THR B 367 26.59 20.66 -0.38
C THR B 367 25.43 20.14 0.47
N GLY B 368 25.38 18.84 0.79
CA GLY B 368 24.22 18.27 1.46
C GLY B 368 23.03 18.03 0.55
N VAL B 369 23.15 18.32 -0.73
CA VAL B 369 22.08 18.09 -1.70
C VAL B 369 22.22 16.68 -2.22
N ARG B 370 21.12 15.95 -2.23
CA ARG B 370 21.15 14.59 -2.76
C ARG B 370 20.35 14.54 -4.04
N GLY B 371 21.01 14.21 -5.14
CA GLY B 371 20.32 13.90 -6.38
C GLY B 371 20.27 12.39 -6.62
N GLY B 372 19.82 12.03 -7.81
CA GLY B 372 19.83 10.63 -8.19
C GLY B 372 20.30 10.45 -9.62
N PRO B 373 20.69 9.24 -9.99
CA PRO B 373 21.13 9.02 -11.38
C PRO B 373 19.92 9.00 -12.30
N HIS B 374 20.13 9.44 -13.53
CA HIS B 374 19.06 9.45 -14.52
C HIS B 374 19.40 8.41 -15.59
N LEU B 375 18.54 7.40 -15.73
CA LEU B 375 18.80 6.28 -16.62
C LEU B 375 18.44 6.63 -18.07
N ALA B 376 19.03 5.87 -19.00
CA ALA B 376 18.81 6.11 -20.41
C ALA B 376 17.37 5.74 -20.79
N PRO B 377 16.75 6.49 -21.71
CA PRO B 377 15.39 6.13 -22.17
C PRO B 377 15.30 4.78 -22.85
N GLY B 378 16.41 4.21 -23.32
CA GLY B 378 16.37 2.88 -23.92
C GLY B 378 15.75 2.82 -25.30
N VAL B 379 15.85 3.91 -26.08
CA VAL B 379 15.35 3.94 -27.45
C VAL B 379 16.52 3.78 -28.40
N ARG B 380 16.45 2.77 -29.26
CA ARG B 380 17.51 2.47 -30.21
C ARG B 380 17.51 3.48 -31.36
N LEU B 381 18.62 3.50 -32.09
CA LEU B 381 18.72 4.33 -33.30
C LEU B 381 18.13 3.57 -34.48
N THR B 382 18.24 4.16 -35.67
CA THR B 382 17.71 3.56 -36.89
C THR B 382 18.26 2.16 -37.13
N ASP B 383 19.50 1.91 -36.70
CA ASP B 383 20.24 0.69 -37.04
C ASP B 383 20.30 -0.31 -35.88
N GLY B 384 19.46 -0.13 -34.86
CA GLY B 384 19.48 -1.00 -33.70
C GLY B 384 20.55 -0.66 -32.68
N SER B 385 21.49 0.21 -33.03
CA SER B 385 22.51 0.65 -32.09
C SER B 385 21.89 1.48 -30.97
N GLU B 386 22.62 1.51 -29.84
CA GLU B 386 22.31 2.35 -28.69
C GLU B 386 22.86 3.76 -28.89
N PRO B 387 22.11 4.77 -28.48
CA PRO B 387 22.62 6.15 -28.55
C PRO B 387 23.84 6.30 -27.66
N PRO B 388 24.70 7.29 -27.91
CA PRO B 388 25.88 7.47 -27.06
C PRO B 388 25.49 7.72 -25.61
N GLU B 389 26.31 7.21 -24.70
CA GLU B 389 26.03 7.28 -23.27
C GLU B 389 25.98 8.72 -22.78
N ARG B 390 25.00 9.01 -21.92
CA ARG B 390 24.87 10.32 -21.27
C ARG B 390 25.08 10.14 -19.78
N HIS B 391 25.70 11.14 -19.16
CA HIS B 391 25.97 11.13 -17.72
C HIS B 391 25.17 12.25 -17.09
N LEU B 392 23.97 11.91 -16.60
CA LEU B 392 22.99 12.91 -16.18
C LEU B 392 22.54 12.61 -14.75
N ILE B 393 22.34 13.66 -13.96
CA ILE B 393 21.84 13.57 -12.59
C ILE B 393 20.47 14.24 -12.57
N ARG B 394 19.48 13.57 -12.01
CA ARG B 394 18.16 14.16 -11.82
C ARG B 394 18.06 14.85 -10.47
N LEU B 395 17.65 16.12 -10.48
CA LEU B 395 17.34 16.88 -9.27
C LEU B 395 15.86 17.19 -9.33
N ALA B 396 15.07 16.52 -8.50
CA ALA B 396 13.62 16.56 -8.56
C ALA B 396 13.09 17.36 -7.38
N VAL B 397 11.96 18.03 -7.60
CA VAL B 397 11.39 18.99 -6.67
C VAL B 397 10.02 18.51 -6.25
N PRO B 398 9.80 18.18 -4.98
CA PRO B 398 8.49 17.71 -4.54
C PRO B 398 7.54 18.89 -4.36
N LEU B 399 6.25 18.61 -4.52
CA LEU B 399 5.26 19.59 -4.09
C LEU B 399 5.58 20.01 -2.65
N GLY B 400 5.43 21.29 -2.34
CA GLY B 400 5.59 21.78 -0.98
C GLY B 400 6.97 22.36 -0.67
N MET B 401 7.96 22.07 -1.49
CA MET B 401 9.31 22.55 -1.21
C MET B 401 9.37 24.08 -1.37
N GLU B 402 10.23 24.72 -0.57
CA GLU B 402 10.34 26.18 -0.61
C GLU B 402 11.30 26.62 -1.71
N ARG B 403 10.90 27.66 -2.45
CA ARG B 403 11.80 28.21 -3.47
C ARG B 403 13.12 28.66 -2.86
N LYS B 404 13.10 29.21 -1.65
CA LYS B 404 14.35 29.70 -1.09
C LYS B 404 15.33 28.58 -0.81
N ALA B 405 14.84 27.41 -0.41
CA ALA B 405 15.74 26.26 -0.24
C ALA B 405 16.38 25.88 -1.56
N LEU B 406 15.59 25.86 -2.64
CA LEU B 406 16.14 25.52 -3.96
C LEU B 406 17.13 26.56 -4.43
N GLU B 407 16.85 27.85 -4.18
CA GLU B 407 17.81 28.86 -4.63
C GLU B 407 19.14 28.75 -3.88
N GLY B 408 19.09 28.47 -2.58
CA GLY B 408 20.31 28.19 -1.83
C GLY B 408 21.05 26.99 -2.36
N ALA B 409 20.31 25.93 -2.70
CA ALA B 409 20.94 24.74 -3.27
C ALA B 409 21.61 25.06 -4.60
N ALA B 410 20.93 25.81 -5.47
CA ALA B 410 21.52 26.20 -6.75
C ALA B 410 22.79 27.01 -6.55
N ASP B 411 22.81 27.91 -5.57
CA ASP B 411 24.02 28.67 -5.30
C ASP B 411 25.17 27.76 -4.87
N ARG B 412 24.90 26.79 -3.99
CA ARG B 412 25.96 25.87 -3.58
C ARG B 412 26.42 25.03 -4.76
N LEU B 413 25.49 24.55 -5.60
CA LEU B 413 25.88 23.76 -6.76
C LEU B 413 26.74 24.58 -7.73
N ALA B 414 26.38 25.85 -7.93
CA ALA B 414 27.18 26.69 -8.81
C ALA B 414 28.58 26.92 -8.25
N GLU B 415 28.71 27.07 -6.93
CA GLU B 415 30.03 27.19 -6.32
C GLU B 415 30.84 25.92 -6.55
N LEU B 416 30.18 24.77 -6.46
CA LEU B 416 30.86 23.49 -6.63
C LEU B 416 31.37 23.32 -8.05
N VAL B 417 30.53 23.63 -9.04
CA VAL B 417 30.96 23.54 -10.44
C VAL B 417 32.11 24.47 -10.71
N ALA B 418 32.13 25.64 -10.05
CA ALA B 418 33.19 26.60 -10.23
C ALA B 418 34.47 26.23 -9.50
N ASP B 419 34.44 25.20 -8.65
CA ASP B 419 35.60 24.86 -7.82
C ASP B 419 36.60 24.04 -8.64
N PRO B 420 37.90 24.35 -8.58
CA PRO B 420 38.87 23.65 -9.43
C PRO B 420 39.38 22.33 -8.87
N ALA B 421 39.03 21.97 -7.66
CA ALA B 421 39.52 20.73 -7.08
C ALA B 421 39.02 19.53 -7.88
N PRO B 422 39.85 18.52 -8.10
CA PRO B 422 39.40 17.34 -8.85
C PRO B 422 38.37 16.53 -8.07
N VAL B 423 37.41 15.97 -8.80
CA VAL B 423 36.37 15.14 -8.21
C VAL B 423 36.95 13.76 -7.88
N ALA B 424 36.62 13.25 -6.71
CA ALA B 424 37.12 11.92 -6.32
C ALA B 424 36.56 10.84 -7.24
N ASP B 425 37.46 10.03 -7.79
CA ASP B 425 37.15 9.04 -8.82
C ASP B 425 36.79 7.69 -8.17
N LEU B 426 35.50 7.46 -7.95
CA LEU B 426 35.05 6.24 -7.26
C LEU B 426 35.15 5.02 -8.14
N THR B 427 35.41 3.88 -7.51
CA THR B 427 35.40 2.58 -8.18
C THR B 427 34.21 1.75 -7.70
N GLU B 428 33.51 1.12 -8.63
CA GLU B 428 32.36 0.28 -8.29
C GLU B 428 32.82 -1.07 -7.76
N VAL B 429 32.19 -1.53 -6.70
CA VAL B 429 32.40 -2.91 -6.24
C VAL B 429 31.70 -3.81 -7.24
N PRO B 430 32.42 -4.68 -7.97
CA PRO B 430 31.97 -5.52 -9.09
C PRO B 430 30.49 -5.89 -9.07
N ALA B 437 21.20 2.38 -9.43
CA ALA B 437 21.16 3.47 -8.45
C ALA B 437 21.59 2.99 -7.07
N LEU B 438 21.55 1.67 -6.83
CA LEU B 438 21.86 1.09 -5.53
C LEU B 438 23.11 0.22 -5.55
N ARG B 439 24.02 0.46 -6.49
CA ARG B 439 25.34 -0.13 -6.47
C ARG B 439 26.15 0.45 -5.30
N VAL B 440 27.27 -0.21 -5.02
CA VAL B 440 28.17 0.23 -3.96
C VAL B 440 29.54 0.55 -4.57
N TYR B 441 30.18 1.57 -4.03
CA TYR B 441 31.42 2.11 -4.55
C TYR B 441 32.42 2.27 -3.42
N HIS B 442 33.68 2.42 -3.79
CA HIS B 442 34.70 2.81 -2.82
C HIS B 442 35.70 3.71 -3.51
N PRO B 443 36.25 4.69 -2.79
CA PRO B 443 37.36 5.47 -3.35
C PRO B 443 38.60 4.61 -3.52
N THR B 444 39.30 4.84 -4.63
CA THR B 444 40.54 4.13 -4.96
C THR B 444 41.80 4.94 -4.67
N ASP B 445 41.66 6.25 -4.46
CA ASP B 445 42.80 7.14 -4.34
C ASP B 445 43.88 6.58 -3.43
N ALA B 446 43.52 6.23 -2.20
CA ALA B 446 44.50 6.03 -1.14
C ALA B 446 45.01 4.59 -1.02
N LEU B 447 44.66 3.71 -1.95
CA LEU B 447 45.02 2.31 -1.85
C LEU B 447 46.37 2.04 -2.50
N PRO B 448 46.98 0.90 -2.23
CA PRO B 448 48.24 0.56 -2.92
C PRO B 448 48.04 0.49 -4.43
N ALA B 449 49.15 0.69 -5.16
CA ALA B 449 49.08 0.74 -6.61
C ALA B 449 48.61 -0.61 -7.17
N ASP B 450 49.13 -1.71 -6.62
CA ASP B 450 48.75 -3.04 -7.09
C ASP B 450 47.26 -3.30 -6.88
N ILE B 451 46.75 -2.92 -5.71
CA ILE B 451 45.34 -3.12 -5.41
C ILE B 451 44.48 -2.24 -6.29
N ARG B 452 44.82 -0.95 -6.35
CA ARG B 452 44.05 0.00 -7.15
C ARG B 452 44.02 -0.41 -8.63
N ARG B 453 45.14 -0.87 -9.17
CA ARG B 453 45.15 -1.39 -10.53
C ARG B 453 44.28 -2.63 -10.64
N ALA B 454 44.30 -3.51 -9.63
CA ALA B 454 43.43 -4.67 -9.65
C ALA B 454 41.96 -4.27 -9.65
N LEU B 455 41.58 -3.29 -8.82
CA LEU B 455 40.20 -2.86 -8.71
C LEU B 455 39.76 -2.06 -9.93
K K C . 10.45 -1.60 22.09
K K D . -20.60 6.72 14.30
K K E . -4.15 5.94 13.60
C ACT F . 11.47 14.96 9.33
O ACT F . 10.82 16.00 9.01
OXT ACT F . 12.06 14.29 8.46
CH3 ACT F . 11.52 14.52 10.79
C ACT G . 12.74 4.18 -18.76
O ACT G . 14.00 4.23 -18.91
OXT ACT G . 12.20 4.86 -17.85
CH3 ACT G . 11.89 3.30 -19.66
K K H . -1.20 10.98 5.33
K K I . 10.82 7.88 -6.00
K K J . 4.82 4.15 -3.70
#